data_8EPG
# 
_entry.id   8EPG 
# 
_audit_conform.dict_name       mmcif_pdbx.dic 
_audit_conform.dict_version    5.389 
_audit_conform.dict_location   http://mmcif.pdb.org/dictionaries/ascii/mmcif_pdbx.dic 
# 
loop_
_database_2.database_id 
_database_2.database_code 
_database_2.pdbx_database_accession 
_database_2.pdbx_DOI 
PDB   8EPG         pdb_00008epg 10.2210/pdb8epg/pdb 
WWPDB D_1000269170 ?            ?                   
# 
loop_
_pdbx_audit_revision_history.ordinal 
_pdbx_audit_revision_history.data_content_type 
_pdbx_audit_revision_history.major_revision 
_pdbx_audit_revision_history.minor_revision 
_pdbx_audit_revision_history.revision_date 
1 'Structure model' 1 0 2023-03-08 
2 'Structure model' 1 1 2023-03-15 
3 'Structure model' 1 2 2024-04-03 
# 
_pdbx_audit_revision_details.ordinal             1 
_pdbx_audit_revision_details.revision_ordinal    1 
_pdbx_audit_revision_details.data_content_type   'Structure model' 
_pdbx_audit_revision_details.provider            repository 
_pdbx_audit_revision_details.type                'Initial release' 
_pdbx_audit_revision_details.description         ? 
_pdbx_audit_revision_details.details             ? 
# 
loop_
_pdbx_audit_revision_group.ordinal 
_pdbx_audit_revision_group.revision_ordinal 
_pdbx_audit_revision_group.data_content_type 
_pdbx_audit_revision_group.group 
1 2 'Structure model' 'Database references'    
2 3 'Structure model' 'Data collection'        
3 3 'Structure model' 'Refinement description' 
# 
loop_
_pdbx_audit_revision_category.ordinal 
_pdbx_audit_revision_category.revision_ordinal 
_pdbx_audit_revision_category.data_content_type 
_pdbx_audit_revision_category.category 
1 2 'Structure model' citation                      
2 2 'Structure model' citation_author               
3 3 'Structure model' chem_comp_atom                
4 3 'Structure model' chem_comp_bond                
5 3 'Structure model' pdbx_initial_refinement_model 
# 
loop_
_pdbx_audit_revision_item.ordinal 
_pdbx_audit_revision_item.revision_ordinal 
_pdbx_audit_revision_item.data_content_type 
_pdbx_audit_revision_item.item 
1 2 'Structure model' '_citation.journal_volume'          
2 2 'Structure model' '_citation.page_first'              
3 2 'Structure model' '_citation.page_last'               
4 2 'Structure model' '_citation_author.identifier_ORCID' 
# 
_pdbx_database_status.status_code                     REL 
_pdbx_database_status.status_code_sf                  REL 
_pdbx_database_status.status_code_mr                  ? 
_pdbx_database_status.entry_id                        8EPG 
_pdbx_database_status.recvd_initial_deposition_date   2022-10-05 
_pdbx_database_status.SG_entry                        N 
_pdbx_database_status.deposit_site                    RCSB 
_pdbx_database_status.process_site                    RCSB 
_pdbx_database_status.status_code_cs                  ? 
_pdbx_database_status.status_code_nmr_data            ? 
_pdbx_database_status.methods_development_category    ? 
_pdbx_database_status.pdb_format_compatible           Y 
# 
_pdbx_contact_author.id                 2 
_pdbx_contact_author.email              mao@purdue.edu 
_pdbx_contact_author.name_first         Chengde 
_pdbx_contact_author.name_last          Mao 
_pdbx_contact_author.name_mi            ? 
_pdbx_contact_author.role               'principal investigator/group leader' 
_pdbx_contact_author.identifier_ORCID   0000-0001-7516-8666 
# 
loop_
_audit_author.name 
_audit_author.pdbx_ordinal 
_audit_author.identifier_ORCID 
'Zhang, C.'    1 0000-0003-3342-7003 
'Zhao, J.'     2 ?                   
'Lu, B.'       3 ?                   
'Sha, R.'      4 0000-0002-0807-734X 
'Seeman, N.C.' 5 0000-0002-9680-4649 
'Noinaj, N.'   6 ?                   
'Mao, C.'      7 0000-0001-7516-8666 
# 
_citation.abstract                  ? 
_citation.abstract_id_CAS           ? 
_citation.book_id_ISBN              ? 
_citation.book_publisher            ? 
_citation.book_publisher_city       ? 
_citation.book_title                ? 
_citation.coordinate_linkage        ? 
_citation.country                   US 
_citation.database_id_Medline       ? 
_citation.details                   ? 
_citation.id                        primary 
_citation.journal_abbrev            J.Am.Chem.Soc. 
_citation.journal_id_ASTM           JACSAT 
_citation.journal_id_CSD            ? 
_citation.journal_id_ISSN           1520-5126 
_citation.journal_full              ? 
_citation.journal_issue             ? 
_citation.journal_volume            145 
_citation.language                  ? 
_citation.page_first                4853 
_citation.page_last                 4859 
_citation.title                     'Engineering DNA Crystals toward Studying DNA-Guest Molecule Interactions.' 
_citation.year                      2023 
_citation.database_id_CSD           ? 
_citation.pdbx_database_id_DOI      10.1021/jacs.3c00081 
_citation.pdbx_database_id_PubMed   36791277 
_citation.pdbx_database_id_patent   ? 
_citation.unpublished_flag          ? 
# 
loop_
_citation_author.citation_id 
_citation_author.name 
_citation_author.ordinal 
_citation_author.identifier_ORCID 
primary 'Zhang, C.'    1 ? 
primary 'Zhao, J.'     2 ? 
primary 'Lu, B.'       3 ? 
primary 'Seeman, N.C.' 4 ? 
primary 'Sha, R.'      5 ? 
primary 'Noinaj, N.'   6 ? 
primary 'Mao, C.'      7 ? 
# 
loop_
_entity.id 
_entity.type 
_entity.src_method 
_entity.pdbx_description 
_entity.formula_weight 
_entity.pdbx_number_of_molecules 
_entity.pdbx_ec 
_entity.pdbx_mutation 
_entity.pdbx_fragment 
_entity.details 
1 polymer syn 
;DNA (5'-D(*CP*GP*AP*CP*G)-3')
;
1505.025 1  ? ? ? ? 
2 polymer syn 
;DNA (5'-D(P*CP*GP*TP*GP*GP*C)-3')
;
1825.216 1  ? ? ? ? 
3 polymer syn 
;DNA (5'-D(P*GP*CP*CP*GP*C)-3')
;
1481.000 1  ? ? ? ? 
4 water   nat water                               18.015   11 ? ? ? ? 
# 
loop_
_entity_poly.entity_id 
_entity_poly.type 
_entity_poly.nstd_linkage 
_entity_poly.nstd_monomer 
_entity_poly.pdbx_seq_one_letter_code 
_entity_poly.pdbx_seq_one_letter_code_can 
_entity_poly.pdbx_strand_id 
_entity_poly.pdbx_target_identifier 
1 polydeoxyribonucleotide no no '(DC)(DG)(DA)(DC)(DG)'     CGACG  A ? 
2 polydeoxyribonucleotide no no '(DC)(DG)(DT)(DG)(DG)(DC)' CGTGGC C ? 
3 polydeoxyribonucleotide no no '(DG)(DC)(DC)(DG)(DC)'     GCCGC  B ? 
# 
_pdbx_entity_nonpoly.entity_id   4 
_pdbx_entity_nonpoly.name        water 
_pdbx_entity_nonpoly.comp_id     HOH 
# 
loop_
_entity_poly_seq.entity_id 
_entity_poly_seq.num 
_entity_poly_seq.mon_id 
_entity_poly_seq.hetero 
1 1 DC n 
1 2 DG n 
1 3 DA n 
1 4 DC n 
1 5 DG n 
2 1 DC n 
2 2 DG n 
2 3 DT n 
2 4 DG n 
2 5 DG n 
2 6 DC n 
3 1 DG n 
3 2 DC n 
3 3 DC n 
3 4 DG n 
3 5 DC n 
# 
loop_
_pdbx_entity_src_syn.entity_id 
_pdbx_entity_src_syn.pdbx_src_id 
_pdbx_entity_src_syn.pdbx_alt_source_flag 
_pdbx_entity_src_syn.pdbx_beg_seq_num 
_pdbx_entity_src_syn.pdbx_end_seq_num 
_pdbx_entity_src_syn.organism_scientific 
_pdbx_entity_src_syn.organism_common_name 
_pdbx_entity_src_syn.ncbi_taxonomy_id 
_pdbx_entity_src_syn.details 
1 1 sample 1 5 'synthetic construct' ? 32630 ? 
2 1 sample 1 6 'synthetic construct' ? 32630 ? 
3 1 sample 1 5 'synthetic construct' ? 32630 ? 
# 
loop_
_chem_comp.id 
_chem_comp.type 
_chem_comp.mon_nstd_flag 
_chem_comp.name 
_chem_comp.pdbx_synonyms 
_chem_comp.formula 
_chem_comp.formula_weight 
DA  'DNA linking' y "2'-DEOXYADENOSINE-5'-MONOPHOSPHATE" ? 'C10 H14 N5 O6 P' 331.222 
DC  'DNA linking' y "2'-DEOXYCYTIDINE-5'-MONOPHOSPHATE"  ? 'C9 H14 N3 O7 P'  307.197 
DG  'DNA linking' y "2'-DEOXYGUANOSINE-5'-MONOPHOSPHATE" ? 'C10 H14 N5 O7 P' 347.221 
DT  'DNA linking' y "THYMIDINE-5'-MONOPHOSPHATE"         ? 'C10 H15 N2 O8 P' 322.208 
HOH non-polymer   . WATER                                ? 'H2 O'            18.015  
# 
loop_
_pdbx_poly_seq_scheme.asym_id 
_pdbx_poly_seq_scheme.entity_id 
_pdbx_poly_seq_scheme.seq_id 
_pdbx_poly_seq_scheme.mon_id 
_pdbx_poly_seq_scheme.ndb_seq_num 
_pdbx_poly_seq_scheme.pdb_seq_num 
_pdbx_poly_seq_scheme.auth_seq_num 
_pdbx_poly_seq_scheme.pdb_mon_id 
_pdbx_poly_seq_scheme.auth_mon_id 
_pdbx_poly_seq_scheme.pdb_strand_id 
_pdbx_poly_seq_scheme.pdb_ins_code 
_pdbx_poly_seq_scheme.hetero 
A 1 1 DC 1 1 1 DC DC A . n 
A 1 2 DG 2 2 2 DG DG A . n 
A 1 3 DA 3 3 3 DA DA A . n 
A 1 4 DC 4 4 4 DC DC A . n 
A 1 5 DG 5 5 5 DG DG A . n 
B 2 1 DC 1 1 1 DC DC C . n 
B 2 2 DG 2 2 2 DG DG C . n 
B 2 3 DT 3 3 3 DT DT C . n 
B 2 4 DG 4 4 4 DG DG C . n 
B 2 5 DG 5 5 5 DG DG C . n 
B 2 6 DC 6 6 6 DC DC C . n 
C 3 1 DG 1 1 1 DG DG B . n 
C 3 2 DC 2 2 2 DC DC B . n 
C 3 3 DC 3 3 3 DC DC B . n 
C 3 4 DG 4 4 4 DG DG B . n 
C 3 5 DC 5 5 5 DC DC B . n 
# 
loop_
_pdbx_nonpoly_scheme.asym_id 
_pdbx_nonpoly_scheme.entity_id 
_pdbx_nonpoly_scheme.mon_id 
_pdbx_nonpoly_scheme.ndb_seq_num 
_pdbx_nonpoly_scheme.pdb_seq_num 
_pdbx_nonpoly_scheme.auth_seq_num 
_pdbx_nonpoly_scheme.pdb_mon_id 
_pdbx_nonpoly_scheme.auth_mon_id 
_pdbx_nonpoly_scheme.pdb_strand_id 
_pdbx_nonpoly_scheme.pdb_ins_code 
D 4 HOH 1 101 11 HOH HOH A . 
D 4 HOH 2 102 6  HOH HOH A . 
E 4 HOH 1 101 8  HOH HOH C . 
E 4 HOH 2 102 4  HOH HOH C . 
E 4 HOH 3 103 10 HOH HOH C . 
E 4 HOH 4 104 5  HOH HOH C . 
E 4 HOH 5 105 2  HOH HOH C . 
F 4 HOH 1 101 7  HOH HOH B . 
F 4 HOH 2 102 3  HOH HOH B . 
F 4 HOH 3 103 1  HOH HOH B . 
F 4 HOH 4 104 9  HOH HOH B . 
# 
loop_
_software.citation_id 
_software.classification 
_software.compiler_name 
_software.compiler_version 
_software.contact_author 
_software.contact_author_email 
_software.date 
_software.description 
_software.dependencies 
_software.hardware 
_software.language 
_software.location 
_software.mods 
_software.name 
_software.os 
_software.os_version 
_software.type 
_software.version 
_software.pdbx_ordinal 
? refinement       ? ? ? ? ? ? ? ? ? ? ? PHENIX    ? ? ? 1.20.1_4487 1 
? 'data reduction' ? ? ? ? ? ? ? ? ? ? ? autoPROC  ? ? ? .           2 
? 'data scaling'   ? ? ? ? ? ? ? ? ? ? ? STARANISO ? ? ? .           3 
? phasing          ? ? ? ? ? ? ? ? ? ? ? PHASER    ? ? ? .           4 
# 
_cell.angle_alpha                  90.000 
_cell.angle_alpha_esd              ? 
_cell.angle_beta                   90.000 
_cell.angle_beta_esd               ? 
_cell.angle_gamma                  90.000 
_cell.angle_gamma_esd              ? 
_cell.entry_id                     8EPG 
_cell.details                      ? 
_cell.formula_units_Z              ? 
_cell.length_a                     35.309 
_cell.length_a_esd                 ? 
_cell.length_b                     35.309 
_cell.length_b_esd                 ? 
_cell.length_c                     104.385 
_cell.length_c_esd                 ? 
_cell.volume                       130139.439 
_cell.volume_esd                   ? 
_cell.Z_PDB                        8 
_cell.reciprocal_angle_alpha       ? 
_cell.reciprocal_angle_beta        ? 
_cell.reciprocal_angle_gamma       ? 
_cell.reciprocal_angle_alpha_esd   ? 
_cell.reciprocal_angle_beta_esd    ? 
_cell.reciprocal_angle_gamma_esd   ? 
_cell.reciprocal_length_a          ? 
_cell.reciprocal_length_b          ? 
_cell.reciprocal_length_c          ? 
_cell.reciprocal_length_a_esd      ? 
_cell.reciprocal_length_b_esd      ? 
_cell.reciprocal_length_c_esd      ? 
_cell.pdbx_unique_axis             ? 
_cell.pdbx_esd_method              ? 
# 
_symmetry.entry_id                         8EPG 
_symmetry.cell_setting                     ? 
_symmetry.Int_Tables_number                95 
_symmetry.space_group_name_Hall            'P 4cw 2c' 
_symmetry.space_group_name_H-M             'P 43 2 2' 
_symmetry.pdbx_full_space_group_name_H-M   ? 
# 
_exptl.absorpt_coefficient_mu     ? 
_exptl.absorpt_correction_T_max   ? 
_exptl.absorpt_correction_T_min   ? 
_exptl.absorpt_correction_type    ? 
_exptl.absorpt_process_details    ? 
_exptl.entry_id                   8EPG 
_exptl.crystals_number            1 
_exptl.details                    ? 
_exptl.method                     'X-RAY DIFFRACTION' 
_exptl.method_details             ? 
# 
_exptl_crystal.colour                       ? 
_exptl_crystal.density_diffrn               ? 
_exptl_crystal.density_Matthews             3.38 
_exptl_crystal.density_method               ? 
_exptl_crystal.density_percent_sol          63.62 
_exptl_crystal.description                  ? 
_exptl_crystal.F_000                        ? 
_exptl_crystal.id                           1 
_exptl_crystal.preparation                  ? 
_exptl_crystal.size_max                     ? 
_exptl_crystal.size_mid                     ? 
_exptl_crystal.size_min                     ? 
_exptl_crystal.size_rad                     ? 
_exptl_crystal.colour_lustre                ? 
_exptl_crystal.colour_modifier              ? 
_exptl_crystal.colour_primary               ? 
_exptl_crystal.density_meas                 ? 
_exptl_crystal.density_meas_esd             ? 
_exptl_crystal.density_meas_gt              ? 
_exptl_crystal.density_meas_lt              ? 
_exptl_crystal.density_meas_temp            ? 
_exptl_crystal.density_meas_temp_esd        ? 
_exptl_crystal.density_meas_temp_gt         ? 
_exptl_crystal.density_meas_temp_lt         ? 
_exptl_crystal.pdbx_crystal_image_url       ? 
_exptl_crystal.pdbx_crystal_image_format    ? 
_exptl_crystal.pdbx_mosaicity               ? 
_exptl_crystal.pdbx_mosaicity_esd           ? 
_exptl_crystal.pdbx_mosaic_method           ? 
_exptl_crystal.pdbx_mosaic_block_size       ? 
_exptl_crystal.pdbx_mosaic_block_size_esd   ? 
# 
_exptl_crystal_grow.apparatus       ? 
_exptl_crystal_grow.atmosphere      ? 
_exptl_crystal_grow.crystal_id      1 
_exptl_crystal_grow.details         ? 
_exptl_crystal_grow.method          'VAPOR DIFFUSION, HANGING DROP' 
_exptl_crystal_grow.method_ref      ? 
_exptl_crystal_grow.pH              ? 
_exptl_crystal_grow.pressure        ? 
_exptl_crystal_grow.pressure_esd    ? 
_exptl_crystal_grow.seeding         ? 
_exptl_crystal_grow.seeding_ref     ? 
_exptl_crystal_grow.temp            295 
_exptl_crystal_grow.temp_details    ? 
_exptl_crystal_grow.temp_esd        ? 
_exptl_crystal_grow.time            ? 
_exptl_crystal_grow.pdbx_details    
;0.5 ug/uL motif
0.005 M magnesium sulfate hydrate, 0.005 M HEPES sodium pH 7.0, 0.16 M lithium sulfate monohydrate, 4 % MPD at pH 7.0
;
_exptl_crystal_grow.pdbx_pH_range   ? 
# 
_diffrn.ambient_environment              ? 
_diffrn.ambient_temp                     100 
_diffrn.ambient_temp_details             ? 
_diffrn.ambient_temp_esd                 ? 
_diffrn.crystal_id                       1 
_diffrn.crystal_support                  ? 
_diffrn.crystal_treatment                ? 
_diffrn.details                          ? 
_diffrn.id                               1 
_diffrn.ambient_pressure                 ? 
_diffrn.ambient_pressure_esd             ? 
_diffrn.ambient_pressure_gt              ? 
_diffrn.ambient_pressure_lt              ? 
_diffrn.ambient_temp_gt                  ? 
_diffrn.ambient_temp_lt                  ? 
_diffrn.pdbx_serial_crystal_experiment   N 
# 
_diffrn_detector.details                      ? 
_diffrn_detector.detector                     PIXEL 
_diffrn_detector.diffrn_id                    1 
_diffrn_detector.type                         'DECTRIS PILATUS3 6M' 
_diffrn_detector.area_resol_mean              ? 
_diffrn_detector.dtime                        ? 
_diffrn_detector.pdbx_frames_total            ? 
_diffrn_detector.pdbx_collection_time_total   ? 
_diffrn_detector.pdbx_collection_date         2022-04-24 
_diffrn_detector.pdbx_frequency               ? 
# 
_diffrn_radiation.collimation                      ? 
_diffrn_radiation.diffrn_id                        1 
_diffrn_radiation.filter_edge                      ? 
_diffrn_radiation.inhomogeneity                    ? 
_diffrn_radiation.monochromator                    ? 
_diffrn_radiation.polarisn_norm                    ? 
_diffrn_radiation.polarisn_ratio                   ? 
_diffrn_radiation.probe                            ? 
_diffrn_radiation.type                             ? 
_diffrn_radiation.xray_symbol                      ? 
_diffrn_radiation.wavelength_id                    1 
_diffrn_radiation.pdbx_monochromatic_or_laue_m_l   M 
_diffrn_radiation.pdbx_wavelength_list             ? 
_diffrn_radiation.pdbx_wavelength                  ? 
_diffrn_radiation.pdbx_diffrn_protocol             'SINGLE WAVELENGTH' 
_diffrn_radiation.pdbx_analyzer                    ? 
_diffrn_radiation.pdbx_scattering_type             x-ray 
# 
_diffrn_radiation_wavelength.id           1 
_diffrn_radiation_wavelength.wavelength   1.03 
_diffrn_radiation_wavelength.wt           1.0 
# 
_diffrn_source.current                     ? 
_diffrn_source.details                     ? 
_diffrn_source.diffrn_id                   1 
_diffrn_source.power                       ? 
_diffrn_source.size                        ? 
_diffrn_source.source                      SYNCHROTRON 
_diffrn_source.target                      ? 
_diffrn_source.type                        'APS BEAMLINE 23-ID-D' 
_diffrn_source.voltage                     ? 
_diffrn_source.take-off_angle              ? 
_diffrn_source.pdbx_wavelength_list        1.03 
_diffrn_source.pdbx_wavelength             ? 
_diffrn_source.pdbx_synchrotron_beamline   23-ID-D 
_diffrn_source.pdbx_synchrotron_site       APS 
# 
_reflns.B_iso_Wilson_estimate                          ? 
_reflns.entry_id                                       8EPG 
_reflns.data_reduction_details                         ? 
_reflns.data_reduction_method                          ? 
_reflns.d_resolution_high                              2.15 
_reflns.d_resolution_low                               35.31 
_reflns.details                                        ? 
_reflns.limit_h_max                                    ? 
_reflns.limit_h_min                                    ? 
_reflns.limit_k_max                                    ? 
_reflns.limit_k_min                                    ? 
_reflns.limit_l_max                                    ? 
_reflns.limit_l_min                                    ? 
_reflns.number_all                                     ? 
_reflns.number_obs                                     1969 
_reflns.observed_criterion                             ? 
_reflns.observed_criterion_F_max                       ? 
_reflns.observed_criterion_F_min                       ? 
_reflns.observed_criterion_I_max                       ? 
_reflns.observed_criterion_I_min                       ? 
_reflns.observed_criterion_sigma_F                     ? 
_reflns.observed_criterion_sigma_I                     ? 
_reflns.percent_possible_obs                           88.2 
_reflns.R_free_details                                 ? 
_reflns.Rmerge_F_all                                   ? 
_reflns.Rmerge_F_obs                                   ? 
_reflns.Friedel_coverage                               ? 
_reflns.number_gt                                      ? 
_reflns.threshold_expression                           ? 
_reflns.pdbx_redundancy                                10.4 
_reflns.pdbx_Rmerge_I_obs                              ? 
_reflns.pdbx_Rmerge_I_all                              ? 
_reflns.pdbx_Rsym_value                                ? 
_reflns.pdbx_netI_over_av_sigmaI                       ? 
_reflns.pdbx_netI_over_sigmaI                          14.2 
_reflns.pdbx_res_netI_over_av_sigmaI_2                 ? 
_reflns.pdbx_res_netI_over_sigmaI_2                    ? 
_reflns.pdbx_chi_squared                               ? 
_reflns.pdbx_scaling_rejects                           ? 
_reflns.pdbx_d_res_high_opt                            ? 
_reflns.pdbx_d_res_low_opt                             ? 
_reflns.pdbx_d_res_opt_method                          ? 
_reflns.phase_calculation_details                      ? 
_reflns.pdbx_Rrim_I_all                                ? 
_reflns.pdbx_Rpim_I_all                                ? 
_reflns.pdbx_d_opt                                     ? 
_reflns.pdbx_number_measured_all                       ? 
_reflns.pdbx_diffrn_id                                 1 
_reflns.pdbx_ordinal                                   1 
_reflns.pdbx_CC_half                                   1.00 
_reflns.pdbx_CC_star                                   ? 
_reflns.pdbx_R_split                                   ? 
_reflns.pdbx_aniso_diffraction_limit_axis_1_ortho[1]   ? 
_reflns.pdbx_aniso_diffraction_limit_axis_1_ortho[2]   ? 
_reflns.pdbx_aniso_diffraction_limit_axis_1_ortho[3]   ? 
_reflns.pdbx_aniso_diffraction_limit_axis_2_ortho[1]   ? 
_reflns.pdbx_aniso_diffraction_limit_axis_2_ortho[2]   ? 
_reflns.pdbx_aniso_diffraction_limit_axis_2_ortho[3]   ? 
_reflns.pdbx_aniso_diffraction_limit_axis_3_ortho[1]   ? 
_reflns.pdbx_aniso_diffraction_limit_axis_3_ortho[2]   ? 
_reflns.pdbx_aniso_diffraction_limit_axis_3_ortho[3]   ? 
_reflns.pdbx_aniso_diffraction_limit_1                 ? 
_reflns.pdbx_aniso_diffraction_limit_2                 ? 
_reflns.pdbx_aniso_diffraction_limit_3                 ? 
_reflns.pdbx_aniso_B_tensor_eigenvector_1_ortho[1]     ? 
_reflns.pdbx_aniso_B_tensor_eigenvector_1_ortho[2]     ? 
_reflns.pdbx_aniso_B_tensor_eigenvector_1_ortho[3]     ? 
_reflns.pdbx_aniso_B_tensor_eigenvector_2_ortho[1]     ? 
_reflns.pdbx_aniso_B_tensor_eigenvector_2_ortho[2]     ? 
_reflns.pdbx_aniso_B_tensor_eigenvector_2_ortho[3]     ? 
_reflns.pdbx_aniso_B_tensor_eigenvector_3_ortho[1]     ? 
_reflns.pdbx_aniso_B_tensor_eigenvector_3_ortho[2]     ? 
_reflns.pdbx_aniso_B_tensor_eigenvector_3_ortho[3]     ? 
_reflns.pdbx_aniso_B_tensor_eigenvalue_1               ? 
_reflns.pdbx_aniso_B_tensor_eigenvalue_2               ? 
_reflns.pdbx_aniso_B_tensor_eigenvalue_3               ? 
_reflns.pdbx_orthogonalization_convention              ? 
_reflns.pdbx_percent_possible_ellipsoidal              ? 
_reflns.pdbx_percent_possible_spherical                ? 
_reflns.pdbx_percent_possible_ellipsoidal_anomalous    ? 
_reflns.pdbx_percent_possible_spherical_anomalous      ? 
_reflns.pdbx_redundancy_anomalous                      ? 
_reflns.pdbx_CC_half_anomalous                         ? 
_reflns.pdbx_absDiff_over_sigma_anomalous              ? 
_reflns.pdbx_percent_possible_anomalous                ? 
_reflns.pdbx_observed_signal_threshold                 ? 
_reflns.pdbx_signal_type                               ? 
_reflns.pdbx_signal_details                            ? 
_reflns.pdbx_signal_software_id                        ? 
_reflns.pdbx_CC_split_method                           ? 
# 
_reflns_shell.d_res_high                                    2.154 
_reflns_shell.d_res_low                                     2.544 
_reflns_shell.meanI_over_sigI_all                           ? 
_reflns_shell.meanI_over_sigI_obs                           ? 
_reflns_shell.number_measured_all                           ? 
_reflns_shell.number_measured_obs                           ? 
_reflns_shell.number_possible                               ? 
_reflns_shell.number_unique_all                             ? 
_reflns_shell.number_unique_obs                             198 
_reflns_shell.percent_possible_all                          ? 
_reflns_shell.percent_possible_obs                          ? 
_reflns_shell.Rmerge_F_all                                  ? 
_reflns_shell.Rmerge_F_obs                                  ? 
_reflns_shell.Rmerge_I_all                                  ? 
_reflns_shell.Rmerge_I_obs                                  ? 
_reflns_shell.meanI_over_sigI_gt                            ? 
_reflns_shell.meanI_over_uI_all                             ? 
_reflns_shell.meanI_over_uI_gt                              ? 
_reflns_shell.number_measured_gt                            ? 
_reflns_shell.number_unique_gt                              ? 
_reflns_shell.percent_possible_gt                           ? 
_reflns_shell.Rmerge_F_gt                                   ? 
_reflns_shell.Rmerge_I_gt                                   ? 
_reflns_shell.pdbx_redundancy                               10.7 
_reflns_shell.pdbx_Rsym_value                               ? 
_reflns_shell.pdbx_chi_squared                              ? 
_reflns_shell.pdbx_netI_over_sigmaI_all                     ? 
_reflns_shell.pdbx_netI_over_sigmaI_obs                     ? 
_reflns_shell.pdbx_Rrim_I_all                               ? 
_reflns_shell.pdbx_Rpim_I_all                               ? 
_reflns_shell.pdbx_rejects                                  ? 
_reflns_shell.pdbx_ordinal                                  1 
_reflns_shell.pdbx_diffrn_id                                1 
_reflns_shell.pdbx_CC_half                                  0.82 
_reflns_shell.pdbx_CC_star                                  ? 
_reflns_shell.pdbx_R_split                                  ? 
_reflns_shell.pdbx_percent_possible_ellipsoidal             ? 
_reflns_shell.pdbx_percent_possible_spherical               ? 
_reflns_shell.pdbx_percent_possible_ellipsoidal_anomalous   ? 
_reflns_shell.pdbx_percent_possible_spherical_anomalous     ? 
_reflns_shell.pdbx_redundancy_anomalous                     ? 
_reflns_shell.pdbx_CC_half_anomalous                        ? 
_reflns_shell.pdbx_absDiff_over_sigma_anomalous             ? 
_reflns_shell.pdbx_percent_possible_anomalous               ? 
# 
_refine.aniso_B[1][1]                            ? 
_refine.aniso_B[1][2]                            ? 
_refine.aniso_B[1][3]                            ? 
_refine.aniso_B[2][2]                            ? 
_refine.aniso_B[2][3]                            ? 
_refine.aniso_B[3][3]                            ? 
_refine.B_iso_max                                ? 
_refine.B_iso_mean                               51.09 
_refine.B_iso_min                                ? 
_refine.correlation_coeff_Fo_to_Fc               ? 
_refine.correlation_coeff_Fo_to_Fc_free          ? 
_refine.details                                  ? 
_refine.diff_density_max                         ? 
_refine.diff_density_max_esd                     ? 
_refine.diff_density_min                         ? 
_refine.diff_density_min_esd                     ? 
_refine.diff_density_rms                         ? 
_refine.diff_density_rms_esd                     ? 
_refine.entry_id                                 8EPG 
_refine.pdbx_refine_id                           'X-RAY DIFFRACTION' 
_refine.ls_abs_structure_details                 ? 
_refine.ls_abs_structure_Flack                   ? 
_refine.ls_abs_structure_Flack_esd               ? 
_refine.ls_abs_structure_Rogers                  ? 
_refine.ls_abs_structure_Rogers_esd              ? 
_refine.ls_d_res_high                            2.15 
_refine.ls_d_res_low                             35.31 
_refine.ls_extinction_coef                       ? 
_refine.ls_extinction_coef_esd                   ? 
_refine.ls_extinction_expression                 ? 
_refine.ls_extinction_method                     ? 
_refine.ls_goodness_of_fit_all                   ? 
_refine.ls_goodness_of_fit_all_esd               ? 
_refine.ls_goodness_of_fit_obs                   ? 
_refine.ls_goodness_of_fit_obs_esd               ? 
_refine.ls_hydrogen_treatment                    ? 
_refine.ls_matrix_type                           ? 
_refine.ls_number_constraints                    ? 
_refine.ls_number_parameters                     ? 
_refine.ls_number_reflns_all                     ? 
_refine.ls_number_reflns_obs                     1960 
_refine.ls_number_reflns_R_free                  83 
_refine.ls_number_reflns_R_work                  1877 
_refine.ls_number_restraints                     ? 
_refine.ls_percent_reflns_obs                    49.17 
_refine.ls_percent_reflns_R_free                 4.23 
_refine.ls_R_factor_all                          ? 
_refine.ls_R_factor_obs                          0.2573 
_refine.ls_R_factor_R_free                       0.2947 
_refine.ls_R_factor_R_free_error                 ? 
_refine.ls_R_factor_R_free_error_details         ? 
_refine.ls_R_factor_R_work                       0.2552 
_refine.ls_R_Fsqd_factor_obs                     ? 
_refine.ls_R_I_factor_obs                        ? 
_refine.ls_redundancy_reflns_all                 ? 
_refine.ls_redundancy_reflns_obs                 ? 
_refine.ls_restrained_S_all                      ? 
_refine.ls_restrained_S_obs                      ? 
_refine.ls_shift_over_esd_max                    ? 
_refine.ls_shift_over_esd_mean                   ? 
_refine.ls_structure_factor_coef                 ? 
_refine.ls_weighting_details                     ? 
_refine.ls_weighting_scheme                      ? 
_refine.ls_wR_factor_all                         ? 
_refine.ls_wR_factor_obs                         ? 
_refine.ls_wR_factor_R_free                      ? 
_refine.ls_wR_factor_R_work                      ? 
_refine.occupancy_max                            ? 
_refine.occupancy_min                            ? 
_refine.solvent_model_details                    'FLAT BULK SOLVENT MODEL' 
_refine.solvent_model_param_bsol                 ? 
_refine.solvent_model_param_ksol                 ? 
_refine.pdbx_R_complete                          ? 
_refine.ls_R_factor_gt                           ? 
_refine.ls_goodness_of_fit_gt                    ? 
_refine.ls_goodness_of_fit_ref                   ? 
_refine.ls_shift_over_su_max                     ? 
_refine.ls_shift_over_su_max_lt                  ? 
_refine.ls_shift_over_su_mean                    ? 
_refine.ls_shift_over_su_mean_lt                 ? 
_refine.pdbx_ls_sigma_I                          ? 
_refine.pdbx_ls_sigma_F                          1.33 
_refine.pdbx_ls_sigma_Fsqd                       ? 
_refine.pdbx_data_cutoff_high_absF               ? 
_refine.pdbx_data_cutoff_high_rms_absF           ? 
_refine.pdbx_data_cutoff_low_absF                ? 
_refine.pdbx_isotropic_thermal_model             ? 
_refine.pdbx_ls_cross_valid_method               'FREE R-VALUE' 
_refine.pdbx_method_to_determine_struct          'MOLECULAR REPLACEMENT' 
_refine.pdbx_starting_model                      'ideal B type DNA duplexes generated in Cadnano' 
_refine.pdbx_stereochemistry_target_values       'GeoStd + Monomer Library + CDL v1.2' 
_refine.pdbx_R_Free_selection_details            ? 
_refine.pdbx_stereochem_target_val_spec_case     ? 
_refine.pdbx_overall_ESU_R                       ? 
_refine.pdbx_overall_ESU_R_Free                  ? 
_refine.pdbx_solvent_vdw_probe_radii             1.1000 
_refine.pdbx_solvent_ion_probe_radii             ? 
_refine.pdbx_solvent_shrinkage_radii             0.9000 
_refine.pdbx_real_space_R                        ? 
_refine.pdbx_density_correlation                 ? 
_refine.pdbx_pd_number_of_powder_patterns        ? 
_refine.pdbx_pd_number_of_points                 ? 
_refine.pdbx_pd_meas_number_of_points            ? 
_refine.pdbx_pd_proc_ls_prof_R_factor            ? 
_refine.pdbx_pd_proc_ls_prof_wR_factor           ? 
_refine.pdbx_pd_Marquardt_correlation_coeff      ? 
_refine.pdbx_pd_Fsqrd_R_factor                   ? 
_refine.pdbx_pd_ls_matrix_band_width             ? 
_refine.pdbx_overall_phase_error                 29.5264 
_refine.pdbx_overall_SU_R_free_Cruickshank_DPI   ? 
_refine.pdbx_overall_SU_R_free_Blow_DPI          ? 
_refine.pdbx_overall_SU_R_Blow_DPI               ? 
_refine.pdbx_TLS_residual_ADP_flag               ? 
_refine.pdbx_diffrn_id                           1 
_refine.overall_SU_B                             ? 
_refine.overall_SU_ML                            0.4163 
_refine.overall_SU_R_Cruickshank_DPI             ? 
_refine.overall_SU_R_free                        ? 
_refine.overall_FOM_free_R_set                   ? 
_refine.overall_FOM_work_R_set                   ? 
_refine.pdbx_average_fsc_overall                 ? 
_refine.pdbx_average_fsc_work                    ? 
_refine.pdbx_average_fsc_free                    ? 
# 
_refine_hist.pdbx_refine_id                   'X-RAY DIFFRACTION' 
_refine_hist.cycle_id                         LAST 
_refine_hist.details                          ? 
_refine_hist.d_res_high                       2.15 
_refine_hist.d_res_low                        35.31 
_refine_hist.number_atoms_solvent             11 
_refine_hist.number_atoms_total               336 
_refine_hist.number_reflns_all                ? 
_refine_hist.number_reflns_obs                ? 
_refine_hist.number_reflns_R_free             ? 
_refine_hist.number_reflns_R_work             ? 
_refine_hist.R_factor_all                     ? 
_refine_hist.R_factor_obs                     ? 
_refine_hist.R_factor_R_free                  ? 
_refine_hist.R_factor_R_work                  ? 
_refine_hist.pdbx_number_residues_total       ? 
_refine_hist.pdbx_B_iso_mean_ligand           ? 
_refine_hist.pdbx_B_iso_mean_solvent          ? 
_refine_hist.pdbx_number_atoms_protein        0 
_refine_hist.pdbx_number_atoms_nucleic_acid   325 
_refine_hist.pdbx_number_atoms_ligand         0 
_refine_hist.pdbx_number_atoms_lipid          ? 
_refine_hist.pdbx_number_atoms_carb           ? 
_refine_hist.pdbx_pseudo_atom_details         ? 
# 
loop_
_refine_ls_restr.pdbx_refine_id 
_refine_ls_restr.criterion 
_refine_ls_restr.dev_ideal 
_refine_ls_restr.dev_ideal_target 
_refine_ls_restr.number 
_refine_ls_restr.rejects 
_refine_ls_restr.type 
_refine_ls_restr.weight 
_refine_ls_restr.pdbx_restraint_function 
'X-RAY DIFFRACTION' ? 0.0112  ? 362 ? f_bond_d           ? ? 
'X-RAY DIFFRACTION' ? 1.2712  ? 552 ? f_angle_d          ? ? 
'X-RAY DIFFRACTION' ? 0.0563  ? 63  ? f_chiral_restr     ? ? 
'X-RAY DIFFRACTION' ? 0.0062  ? 16  ? f_plane_restr      ? ? 
'X-RAY DIFFRACTION' ? 38.2457 ? 150 ? f_dihedral_angle_d ? ? 
# 
_refine_ls_shell.pdbx_refine_id                   'X-RAY DIFFRACTION' 
_refine_ls_shell.d_res_high                       2.15 
_refine_ls_shell.d_res_low                        35.31 
_refine_ls_shell.number_reflns_all                ? 
_refine_ls_shell.number_reflns_obs                ? 
_refine_ls_shell.number_reflns_R_free             83 
_refine_ls_shell.number_reflns_R_work             1877 
_refine_ls_shell.percent_reflns_obs               49.17 
_refine_ls_shell.percent_reflns_R_free            ? 
_refine_ls_shell.R_factor_all                     ? 
_refine_ls_shell.R_factor_obs                     ? 
_refine_ls_shell.R_factor_R_free                  0.2947 
_refine_ls_shell.R_factor_R_free_error            ? 
_refine_ls_shell.R_factor_R_work                  0.2552 
_refine_ls_shell.redundancy_reflns_all            ? 
_refine_ls_shell.redundancy_reflns_obs            ? 
_refine_ls_shell.wR_factor_all                    ? 
_refine_ls_shell.wR_factor_obs                    ? 
_refine_ls_shell.wR_factor_R_free                 ? 
_refine_ls_shell.wR_factor_R_work                 ? 
_refine_ls_shell.pdbx_R_complete                  ? 
_refine_ls_shell.pdbx_total_number_of_bins_used   ? 
_refine_ls_shell.pdbx_phase_error                 ? 
_refine_ls_shell.pdbx_fsc_work                    ? 
_refine_ls_shell.pdbx_fsc_free                    ? 
# 
_struct.entry_id                     8EPG 
_struct.title                        'Engineering Crystals with Tunable Symmetries from 14- or 16-Base-Long DNA Strands' 
_struct.pdbx_model_details           ? 
_struct.pdbx_formula_weight          ? 
_struct.pdbx_formula_weight_method   ? 
_struct.pdbx_model_type_details      ? 
_struct.pdbx_CASP_flag               N 
# 
_struct_keywords.entry_id        8EPG 
_struct_keywords.text            'DNA, Four-Fold Rotational Axis, Left-Handed, Parallel' 
_struct_keywords.pdbx_keywords   DNA 
# 
loop_
_struct_asym.id 
_struct_asym.pdbx_blank_PDB_chainid_flag 
_struct_asym.pdbx_modified 
_struct_asym.entity_id 
_struct_asym.details 
A N N 1 ? 
B N N 2 ? 
C N N 3 ? 
D N N 4 ? 
E N N 4 ? 
F N N 4 ? 
# 
loop_
_struct_ref.id 
_struct_ref.db_name 
_struct_ref.db_code 
_struct_ref.pdbx_db_accession 
_struct_ref.pdbx_db_isoform 
_struct_ref.entity_id 
_struct_ref.pdbx_seq_one_letter_code 
_struct_ref.pdbx_align_begin 
1 PDB 8EPG 8EPG ? 1 ? 1 
2 PDB 8EPG 8EPG ? 2 ? 1 
3 PDB 8EPG 8EPG ? 3 ? 1 
# 
loop_
_struct_ref_seq.align_id 
_struct_ref_seq.ref_id 
_struct_ref_seq.pdbx_PDB_id_code 
_struct_ref_seq.pdbx_strand_id 
_struct_ref_seq.seq_align_beg 
_struct_ref_seq.pdbx_seq_align_beg_ins_code 
_struct_ref_seq.seq_align_end 
_struct_ref_seq.pdbx_seq_align_end_ins_code 
_struct_ref_seq.pdbx_db_accession 
_struct_ref_seq.db_align_beg 
_struct_ref_seq.pdbx_db_align_beg_ins_code 
_struct_ref_seq.db_align_end 
_struct_ref_seq.pdbx_db_align_end_ins_code 
_struct_ref_seq.pdbx_auth_seq_align_beg 
_struct_ref_seq.pdbx_auth_seq_align_end 
1 1 8EPG A 1 ? 5 ? 8EPG 1 ? 5 ? 1 5 
2 2 8EPG C 1 ? 6 ? 8EPG 1 ? 6 ? 1 6 
3 3 8EPG B 1 ? 5 ? 8EPG 1 ? 5 ? 1 5 
# 
_pdbx_struct_assembly.id                   1 
_pdbx_struct_assembly.details              author_and_software_defined_assembly 
_pdbx_struct_assembly.method_details       PISA 
_pdbx_struct_assembly.oligomeric_details   trimeric 
_pdbx_struct_assembly.oligomeric_count     3 
# 
loop_
_pdbx_struct_assembly_prop.biol_id 
_pdbx_struct_assembly_prop.type 
_pdbx_struct_assembly_prop.value 
_pdbx_struct_assembly_prop.details 
1 'ABSA (A^2)' 630  ? 
1 MORE         -4   ? 
1 'SSA (A^2)'  3550 ? 
# 
_pdbx_struct_assembly_gen.assembly_id       1 
_pdbx_struct_assembly_gen.oper_expression   1 
_pdbx_struct_assembly_gen.asym_id_list      A,B,C,D,E,F 
# 
_pdbx_struct_oper_list.id                   1 
_pdbx_struct_oper_list.type                 'identity operation' 
_pdbx_struct_oper_list.name                 1_555 
_pdbx_struct_oper_list.symmetry_operation   x,y,z 
_pdbx_struct_oper_list.matrix[1][1]         1.0000000000 
_pdbx_struct_oper_list.matrix[1][2]         0.0000000000 
_pdbx_struct_oper_list.matrix[1][3]         0.0000000000 
_pdbx_struct_oper_list.vector[1]            0.0000000000 
_pdbx_struct_oper_list.matrix[2][1]         0.0000000000 
_pdbx_struct_oper_list.matrix[2][2]         1.0000000000 
_pdbx_struct_oper_list.matrix[2][3]         0.0000000000 
_pdbx_struct_oper_list.vector[2]            0.0000000000 
_pdbx_struct_oper_list.matrix[3][1]         0.0000000000 
_pdbx_struct_oper_list.matrix[3][2]         0.0000000000 
_pdbx_struct_oper_list.matrix[3][3]         1.0000000000 
_pdbx_struct_oper_list.vector[3]            0.0000000000 
# 
loop_
_struct_conn.id 
_struct_conn.conn_type_id 
_struct_conn.pdbx_leaving_atom_flag 
_struct_conn.pdbx_PDB_id 
_struct_conn.ptnr1_label_asym_id 
_struct_conn.ptnr1_label_comp_id 
_struct_conn.ptnr1_label_seq_id 
_struct_conn.ptnr1_label_atom_id 
_struct_conn.pdbx_ptnr1_label_alt_id 
_struct_conn.pdbx_ptnr1_PDB_ins_code 
_struct_conn.pdbx_ptnr1_standard_comp_id 
_struct_conn.ptnr1_symmetry 
_struct_conn.ptnr2_label_asym_id 
_struct_conn.ptnr2_label_comp_id 
_struct_conn.ptnr2_label_seq_id 
_struct_conn.ptnr2_label_atom_id 
_struct_conn.pdbx_ptnr2_label_alt_id 
_struct_conn.pdbx_ptnr2_PDB_ins_code 
_struct_conn.ptnr1_auth_asym_id 
_struct_conn.ptnr1_auth_comp_id 
_struct_conn.ptnr1_auth_seq_id 
_struct_conn.ptnr2_auth_asym_id 
_struct_conn.ptnr2_auth_comp_id 
_struct_conn.ptnr2_auth_seq_id 
_struct_conn.ptnr2_symmetry 
_struct_conn.pdbx_ptnr3_label_atom_id 
_struct_conn.pdbx_ptnr3_label_seq_id 
_struct_conn.pdbx_ptnr3_label_comp_id 
_struct_conn.pdbx_ptnr3_label_asym_id 
_struct_conn.pdbx_ptnr3_label_alt_id 
_struct_conn.pdbx_ptnr3_PDB_ins_code 
_struct_conn.details 
_struct_conn.pdbx_dist_value 
_struct_conn.pdbx_value_order 
_struct_conn.pdbx_role 
hydrog1  hydrog ? ? A DA 3 N1 ? ? ? 1_555 B DT 3 N3 ? ? A DA 3 C DT 3 1_555 ? ? ? ? ? ? WATSON-CRICK ? ? ? 
hydrog2  hydrog ? ? A DA 3 N6 ? ? ? 1_555 B DT 3 O4 ? ? A DA 3 C DT 3 1_555 ? ? ? ? ? ? WATSON-CRICK ? ? ? 
hydrog3  hydrog ? ? A DC 4 N3 ? ? ? 1_555 B DG 2 N1 ? ? A DC 4 C DG 2 1_555 ? ? ? ? ? ? WATSON-CRICK ? ? ? 
hydrog4  hydrog ? ? A DC 4 N4 ? ? ? 1_555 B DG 2 O6 ? ? A DC 4 C DG 2 1_555 ? ? ? ? ? ? WATSON-CRICK ? ? ? 
hydrog5  hydrog ? ? A DC 4 O2 ? ? ? 1_555 B DG 2 N2 ? ? A DC 4 C DG 2 1_555 ? ? ? ? ? ? WATSON-CRICK ? ? ? 
hydrog6  hydrog ? ? A DG 5 N1 ? ? ? 1_555 B DC 1 N3 ? ? A DG 5 C DC 1 1_555 ? ? ? ? ? ? WATSON-CRICK ? ? ? 
hydrog7  hydrog ? ? A DG 5 N2 ? ? ? 1_555 B DC 1 O2 ? ? A DG 5 C DC 1 1_555 ? ? ? ? ? ? WATSON-CRICK ? ? ? 
hydrog8  hydrog ? ? A DG 5 O6 ? ? ? 1_555 B DC 1 N4 ? ? A DG 5 C DC 1 1_555 ? ? ? ? ? ? WATSON-CRICK ? ? ? 
hydrog9  hydrog ? ? B DG 4 N1 ? ? ? 1_555 C DC 3 N3 ? ? C DG 4 B DC 3 1_555 ? ? ? ? ? ? WATSON-CRICK ? ? ? 
hydrog10 hydrog ? ? B DG 4 N2 ? ? ? 1_555 C DC 3 O2 ? ? C DG 4 B DC 3 1_555 ? ? ? ? ? ? WATSON-CRICK ? ? ? 
hydrog11 hydrog ? ? B DG 4 O6 ? ? ? 1_555 C DC 3 N4 ? ? C DG 4 B DC 3 1_555 ? ? ? ? ? ? WATSON-CRICK ? ? ? 
hydrog12 hydrog ? ? B DG 5 N1 ? ? ? 1_555 C DC 2 N3 ? ? C DG 5 B DC 2 1_555 ? ? ? ? ? ? WATSON-CRICK ? ? ? 
hydrog13 hydrog ? ? B DG 5 N2 ? ? ? 1_555 C DC 2 O2 ? ? C DG 5 B DC 2 1_555 ? ? ? ? ? ? WATSON-CRICK ? ? ? 
hydrog14 hydrog ? ? B DG 5 O6 ? ? ? 1_555 C DC 2 N4 ? ? C DG 5 B DC 2 1_555 ? ? ? ? ? ? WATSON-CRICK ? ? ? 
hydrog15 hydrog ? ? B DC 6 N3 ? ? ? 1_555 C DG 1 N1 ? ? C DC 6 B DG 1 1_555 ? ? ? ? ? ? WATSON-CRICK ? ? ? 
hydrog16 hydrog ? ? B DC 6 N4 ? ? ? 1_555 C DG 1 O6 ? ? C DC 6 B DG 1 1_555 ? ? ? ? ? ? WATSON-CRICK ? ? ? 
hydrog17 hydrog ? ? B DC 6 O2 ? ? ? 1_555 C DG 1 N2 ? ? C DC 6 B DG 1 1_555 ? ? ? ? ? ? WATSON-CRICK ? ? ? 
# 
_struct_conn_type.id          hydrog 
_struct_conn_type.criteria    ? 
_struct_conn_type.reference   ? 
# 
loop_
_pdbx_validate_symm_contact.id 
_pdbx_validate_symm_contact.PDB_model_num 
_pdbx_validate_symm_contact.auth_atom_id_1 
_pdbx_validate_symm_contact.auth_asym_id_1 
_pdbx_validate_symm_contact.auth_comp_id_1 
_pdbx_validate_symm_contact.auth_seq_id_1 
_pdbx_validate_symm_contact.PDB_ins_code_1 
_pdbx_validate_symm_contact.label_alt_id_1 
_pdbx_validate_symm_contact.site_symmetry_1 
_pdbx_validate_symm_contact.auth_atom_id_2 
_pdbx_validate_symm_contact.auth_asym_id_2 
_pdbx_validate_symm_contact.auth_comp_id_2 
_pdbx_validate_symm_contact.auth_seq_id_2 
_pdbx_validate_symm_contact.PDB_ins_code_2 
_pdbx_validate_symm_contact.label_alt_id_2 
_pdbx_validate_symm_contact.site_symmetry_2 
_pdbx_validate_symm_contact.dist 
1 1 "O3'" A DG  5   ? ? 1_555 P   C DC  1   ? ? 7_555 1.59 
2 1 "O3'" C DC  6   ? ? 1_555 P   B DG  1   ? ? 7_555 1.59 
3 1 "O3'" C DC  6   ? ? 1_555 OP1 B DG  1   ? ? 7_555 2.00 
4 1 O     B HOH 102 ? ? 1_555 O   B HOH 103 ? ? 5_655 2.14 
# 
_pdbx_validate_rmsd_bond.id                        1 
_pdbx_validate_rmsd_bond.PDB_model_num             1 
_pdbx_validate_rmsd_bond.auth_atom_id_1            "O3'" 
_pdbx_validate_rmsd_bond.auth_asym_id_1            B 
_pdbx_validate_rmsd_bond.auth_comp_id_1            DC 
_pdbx_validate_rmsd_bond.auth_seq_id_1             5 
_pdbx_validate_rmsd_bond.PDB_ins_code_1            ? 
_pdbx_validate_rmsd_bond.label_alt_id_1            ? 
_pdbx_validate_rmsd_bond.auth_atom_id_2            "C3'" 
_pdbx_validate_rmsd_bond.auth_asym_id_2            B 
_pdbx_validate_rmsd_bond.auth_comp_id_2            DC 
_pdbx_validate_rmsd_bond.auth_seq_id_2             5 
_pdbx_validate_rmsd_bond.PDB_ins_code_2            ? 
_pdbx_validate_rmsd_bond.label_alt_id_2            ? 
_pdbx_validate_rmsd_bond.bond_value                1.370 
_pdbx_validate_rmsd_bond.bond_target_value         1.419 
_pdbx_validate_rmsd_bond.bond_deviation            -0.049 
_pdbx_validate_rmsd_bond.bond_standard_deviation   0.006 
_pdbx_validate_rmsd_bond.linker_flag               N 
# 
_pdbx_validate_rmsd_angle.id                         1 
_pdbx_validate_rmsd_angle.PDB_model_num              1 
_pdbx_validate_rmsd_angle.auth_atom_id_1             "O4'" 
_pdbx_validate_rmsd_angle.auth_asym_id_1             A 
_pdbx_validate_rmsd_angle.auth_comp_id_1             DG 
_pdbx_validate_rmsd_angle.auth_seq_id_1              2 
_pdbx_validate_rmsd_angle.PDB_ins_code_1             ? 
_pdbx_validate_rmsd_angle.label_alt_id_1             ? 
_pdbx_validate_rmsd_angle.auth_atom_id_2             "C1'" 
_pdbx_validate_rmsd_angle.auth_asym_id_2             A 
_pdbx_validate_rmsd_angle.auth_comp_id_2             DG 
_pdbx_validate_rmsd_angle.auth_seq_id_2              2 
_pdbx_validate_rmsd_angle.PDB_ins_code_2             ? 
_pdbx_validate_rmsd_angle.label_alt_id_2             ? 
_pdbx_validate_rmsd_angle.auth_atom_id_3             N9 
_pdbx_validate_rmsd_angle.auth_asym_id_3             A 
_pdbx_validate_rmsd_angle.auth_comp_id_3             DG 
_pdbx_validate_rmsd_angle.auth_seq_id_3              2 
_pdbx_validate_rmsd_angle.PDB_ins_code_3             ? 
_pdbx_validate_rmsd_angle.label_alt_id_3             ? 
_pdbx_validate_rmsd_angle.angle_value                110.57 
_pdbx_validate_rmsd_angle.angle_target_value         108.30 
_pdbx_validate_rmsd_angle.angle_deviation            2.27 
_pdbx_validate_rmsd_angle.angle_standard_deviation   0.30 
_pdbx_validate_rmsd_angle.linker_flag                N 
# 
loop_
_space_group_symop.id 
_space_group_symop.operation_xyz 
1 x,y,z        
2 -y,x,z+3/4   
3 y,-x,z+1/4   
4 x,-y,-z+1/2  
5 -x,y,-z      
6 -x,-y,z+1/2  
7 y,x,-z+1/4   
8 -y,-x,-z+3/4 
# 
_pdbx_refine_tls.id               1 
_pdbx_refine_tls.pdbx_refine_id   'X-RAY DIFFRACTION' 
_pdbx_refine_tls.details          ? 
_pdbx_refine_tls.method           refined 
_pdbx_refine_tls.origin_x         0.0123185675 
_pdbx_refine_tls.origin_y         -0.04439229131 
_pdbx_refine_tls.origin_z         0.02421948063 
_pdbx_refine_tls.T[1][1]          0.506808134665 
_pdbx_refine_tls.T[1][1]_esd      ? 
_pdbx_refine_tls.T[1][2]          0.174034866727 
_pdbx_refine_tls.T[1][2]_esd      ? 
_pdbx_refine_tls.T[1][3]          0.113530173831 
_pdbx_refine_tls.T[1][3]_esd      ? 
_pdbx_refine_tls.T[2][2]          0.390215163952 
_pdbx_refine_tls.T[2][2]_esd      ? 
_pdbx_refine_tls.T[2][3]          0.041497798791 
_pdbx_refine_tls.T[2][3]_esd      ? 
_pdbx_refine_tls.T[3][3]          0.638195403052 
_pdbx_refine_tls.T[3][3]_esd      ? 
_pdbx_refine_tls.L[1][1]          0.581769059693 
_pdbx_refine_tls.L[1][1]_esd      ? 
_pdbx_refine_tls.L[1][2]          0.296688472010 
_pdbx_refine_tls.L[1][2]_esd      ? 
_pdbx_refine_tls.L[1][3]          -0.442875773252 
_pdbx_refine_tls.L[1][3]_esd      ? 
_pdbx_refine_tls.L[2][2]          0.154772640784 
_pdbx_refine_tls.L[2][2]_esd      ? 
_pdbx_refine_tls.L[2][3]          -0.227708346742 
_pdbx_refine_tls.L[2][3]_esd      ? 
_pdbx_refine_tls.L[3][3]          0.34756191485 
_pdbx_refine_tls.L[3][3]_esd      ? 
_pdbx_refine_tls.S[1][1]          0.311297041940 
_pdbx_refine_tls.S[1][1]_esd      ? 
_pdbx_refine_tls.S[1][2]          0.056366359556 
_pdbx_refine_tls.S[1][2]_esd      ? 
_pdbx_refine_tls.S[1][3]          -0.030395563540 
_pdbx_refine_tls.S[1][3]_esd      ? 
_pdbx_refine_tls.S[2][1]          0.044337833565 
_pdbx_refine_tls.S[2][1]_esd      ? 
_pdbx_refine_tls.S[2][2]          0.370566266919 
_pdbx_refine_tls.S[2][2]_esd      ? 
_pdbx_refine_tls.S[2][3]          0.123670281818 
_pdbx_refine_tls.S[2][3]_esd      ? 
_pdbx_refine_tls.S[3][1]          -0.117830777095 
_pdbx_refine_tls.S[3][1]_esd      ? 
_pdbx_refine_tls.S[3][2]          -0.106225802058 
_pdbx_refine_tls.S[3][2]_esd      ? 
_pdbx_refine_tls.S[3][3]          0.276379450739 
_pdbx_refine_tls.S[3][3]_esd      ? 
# 
_pdbx_refine_tls_group.id                  1 
_pdbx_refine_tls_group.pdbx_refine_id      'X-RAY DIFFRACTION' 
_pdbx_refine_tls_group.refine_tls_id       1 
_pdbx_refine_tls_group.beg_label_asym_id   A 
_pdbx_refine_tls_group.beg_label_seq_id    ? 
_pdbx_refine_tls_group.beg_auth_asym_id    A 
_pdbx_refine_tls_group.beg_auth_seq_id     1 
_pdbx_refine_tls_group.beg_PDB_ins_code    ? 
_pdbx_refine_tls_group.end_label_asym_id   C 
_pdbx_refine_tls_group.end_label_seq_id    ? 
_pdbx_refine_tls_group.end_auth_asym_id    B 
_pdbx_refine_tls_group.end_auth_seq_id     5 
_pdbx_refine_tls_group.end_PDB_ins_code    ? 
_pdbx_refine_tls_group.selection           ? 
_pdbx_refine_tls_group.selection_details   all 
# 
loop_
_chem_comp_atom.comp_id 
_chem_comp_atom.atom_id 
_chem_comp_atom.type_symbol 
_chem_comp_atom.pdbx_aromatic_flag 
_chem_comp_atom.pdbx_stereo_config 
_chem_comp_atom.pdbx_ordinal 
DA  OP3    O N N 1   
DA  P      P N N 2   
DA  OP1    O N N 3   
DA  OP2    O N N 4   
DA  "O5'"  O N N 5   
DA  "C5'"  C N N 6   
DA  "C4'"  C N R 7   
DA  "O4'"  O N N 8   
DA  "C3'"  C N S 9   
DA  "O3'"  O N N 10  
DA  "C2'"  C N N 11  
DA  "C1'"  C N R 12  
DA  N9     N Y N 13  
DA  C8     C Y N 14  
DA  N7     N Y N 15  
DA  C5     C Y N 16  
DA  C6     C Y N 17  
DA  N6     N N N 18  
DA  N1     N Y N 19  
DA  C2     C Y N 20  
DA  N3     N Y N 21  
DA  C4     C Y N 22  
DA  HOP3   H N N 23  
DA  HOP2   H N N 24  
DA  "H5'"  H N N 25  
DA  "H5''" H N N 26  
DA  "H4'"  H N N 27  
DA  "H3'"  H N N 28  
DA  "HO3'" H N N 29  
DA  "H2'"  H N N 30  
DA  "H2''" H N N 31  
DA  "H1'"  H N N 32  
DA  H8     H N N 33  
DA  H61    H N N 34  
DA  H62    H N N 35  
DA  H2     H N N 36  
DC  OP3    O N N 37  
DC  P      P N N 38  
DC  OP1    O N N 39  
DC  OP2    O N N 40  
DC  "O5'"  O N N 41  
DC  "C5'"  C N N 42  
DC  "C4'"  C N R 43  
DC  "O4'"  O N N 44  
DC  "C3'"  C N S 45  
DC  "O3'"  O N N 46  
DC  "C2'"  C N N 47  
DC  "C1'"  C N R 48  
DC  N1     N N N 49  
DC  C2     C N N 50  
DC  O2     O N N 51  
DC  N3     N N N 52  
DC  C4     C N N 53  
DC  N4     N N N 54  
DC  C5     C N N 55  
DC  C6     C N N 56  
DC  HOP3   H N N 57  
DC  HOP2   H N N 58  
DC  "H5'"  H N N 59  
DC  "H5''" H N N 60  
DC  "H4'"  H N N 61  
DC  "H3'"  H N N 62  
DC  "HO3'" H N N 63  
DC  "H2'"  H N N 64  
DC  "H2''" H N N 65  
DC  "H1'"  H N N 66  
DC  H41    H N N 67  
DC  H42    H N N 68  
DC  H5     H N N 69  
DC  H6     H N N 70  
DG  OP3    O N N 71  
DG  P      P N N 72  
DG  OP1    O N N 73  
DG  OP2    O N N 74  
DG  "O5'"  O N N 75  
DG  "C5'"  C N N 76  
DG  "C4'"  C N R 77  
DG  "O4'"  O N N 78  
DG  "C3'"  C N S 79  
DG  "O3'"  O N N 80  
DG  "C2'"  C N N 81  
DG  "C1'"  C N R 82  
DG  N9     N Y N 83  
DG  C8     C Y N 84  
DG  N7     N Y N 85  
DG  C5     C Y N 86  
DG  C6     C N N 87  
DG  O6     O N N 88  
DG  N1     N N N 89  
DG  C2     C N N 90  
DG  N2     N N N 91  
DG  N3     N N N 92  
DG  C4     C Y N 93  
DG  HOP3   H N N 94  
DG  HOP2   H N N 95  
DG  "H5'"  H N N 96  
DG  "H5''" H N N 97  
DG  "H4'"  H N N 98  
DG  "H3'"  H N N 99  
DG  "HO3'" H N N 100 
DG  "H2'"  H N N 101 
DG  "H2''" H N N 102 
DG  "H1'"  H N N 103 
DG  H8     H N N 104 
DG  H1     H N N 105 
DG  H21    H N N 106 
DG  H22    H N N 107 
DT  OP3    O N N 108 
DT  P      P N N 109 
DT  OP1    O N N 110 
DT  OP2    O N N 111 
DT  "O5'"  O N N 112 
DT  "C5'"  C N N 113 
DT  "C4'"  C N R 114 
DT  "O4'"  O N N 115 
DT  "C3'"  C N S 116 
DT  "O3'"  O N N 117 
DT  "C2'"  C N N 118 
DT  "C1'"  C N R 119 
DT  N1     N N N 120 
DT  C2     C N N 121 
DT  O2     O N N 122 
DT  N3     N N N 123 
DT  C4     C N N 124 
DT  O4     O N N 125 
DT  C5     C N N 126 
DT  C7     C N N 127 
DT  C6     C N N 128 
DT  HOP3   H N N 129 
DT  HOP2   H N N 130 
DT  "H5'"  H N N 131 
DT  "H5''" H N N 132 
DT  "H4'"  H N N 133 
DT  "H3'"  H N N 134 
DT  "HO3'" H N N 135 
DT  "H2'"  H N N 136 
DT  "H2''" H N N 137 
DT  "H1'"  H N N 138 
DT  H3     H N N 139 
DT  H71    H N N 140 
DT  H72    H N N 141 
DT  H73    H N N 142 
DT  H6     H N N 143 
HOH O      O N N 144 
HOH H1     H N N 145 
HOH H2     H N N 146 
# 
loop_
_chem_comp_bond.comp_id 
_chem_comp_bond.atom_id_1 
_chem_comp_bond.atom_id_2 
_chem_comp_bond.value_order 
_chem_comp_bond.pdbx_aromatic_flag 
_chem_comp_bond.pdbx_stereo_config 
_chem_comp_bond.pdbx_ordinal 
DA  OP3   P      sing N N 1   
DA  OP3   HOP3   sing N N 2   
DA  P     OP1    doub N N 3   
DA  P     OP2    sing N N 4   
DA  P     "O5'"  sing N N 5   
DA  OP2   HOP2   sing N N 6   
DA  "O5'" "C5'"  sing N N 7   
DA  "C5'" "C4'"  sing N N 8   
DA  "C5'" "H5'"  sing N N 9   
DA  "C5'" "H5''" sing N N 10  
DA  "C4'" "O4'"  sing N N 11  
DA  "C4'" "C3'"  sing N N 12  
DA  "C4'" "H4'"  sing N N 13  
DA  "O4'" "C1'"  sing N N 14  
DA  "C3'" "O3'"  sing N N 15  
DA  "C3'" "C2'"  sing N N 16  
DA  "C3'" "H3'"  sing N N 17  
DA  "O3'" "HO3'" sing N N 18  
DA  "C2'" "C1'"  sing N N 19  
DA  "C2'" "H2'"  sing N N 20  
DA  "C2'" "H2''" sing N N 21  
DA  "C1'" N9     sing N N 22  
DA  "C1'" "H1'"  sing N N 23  
DA  N9    C8     sing Y N 24  
DA  N9    C4     sing Y N 25  
DA  C8    N7     doub Y N 26  
DA  C8    H8     sing N N 27  
DA  N7    C5     sing Y N 28  
DA  C5    C6     sing Y N 29  
DA  C5    C4     doub Y N 30  
DA  C6    N6     sing N N 31  
DA  C6    N1     doub Y N 32  
DA  N6    H61    sing N N 33  
DA  N6    H62    sing N N 34  
DA  N1    C2     sing Y N 35  
DA  C2    N3     doub Y N 36  
DA  C2    H2     sing N N 37  
DA  N3    C4     sing Y N 38  
DC  OP3   P      sing N N 39  
DC  OP3   HOP3   sing N N 40  
DC  P     OP1    doub N N 41  
DC  P     OP2    sing N N 42  
DC  P     "O5'"  sing N N 43  
DC  OP2   HOP2   sing N N 44  
DC  "O5'" "C5'"  sing N N 45  
DC  "C5'" "C4'"  sing N N 46  
DC  "C5'" "H5'"  sing N N 47  
DC  "C5'" "H5''" sing N N 48  
DC  "C4'" "O4'"  sing N N 49  
DC  "C4'" "C3'"  sing N N 50  
DC  "C4'" "H4'"  sing N N 51  
DC  "O4'" "C1'"  sing N N 52  
DC  "C3'" "O3'"  sing N N 53  
DC  "C3'" "C2'"  sing N N 54  
DC  "C3'" "H3'"  sing N N 55  
DC  "O3'" "HO3'" sing N N 56  
DC  "C2'" "C1'"  sing N N 57  
DC  "C2'" "H2'"  sing N N 58  
DC  "C2'" "H2''" sing N N 59  
DC  "C1'" N1     sing N N 60  
DC  "C1'" "H1'"  sing N N 61  
DC  N1    C2     sing N N 62  
DC  N1    C6     sing N N 63  
DC  C2    O2     doub N N 64  
DC  C2    N3     sing N N 65  
DC  N3    C4     doub N N 66  
DC  C4    N4     sing N N 67  
DC  C4    C5     sing N N 68  
DC  N4    H41    sing N N 69  
DC  N4    H42    sing N N 70  
DC  C5    C6     doub N N 71  
DC  C5    H5     sing N N 72  
DC  C6    H6     sing N N 73  
DG  OP3   P      sing N N 74  
DG  OP3   HOP3   sing N N 75  
DG  P     OP1    doub N N 76  
DG  P     OP2    sing N N 77  
DG  P     "O5'"  sing N N 78  
DG  OP2   HOP2   sing N N 79  
DG  "O5'" "C5'"  sing N N 80  
DG  "C5'" "C4'"  sing N N 81  
DG  "C5'" "H5'"  sing N N 82  
DG  "C5'" "H5''" sing N N 83  
DG  "C4'" "O4'"  sing N N 84  
DG  "C4'" "C3'"  sing N N 85  
DG  "C4'" "H4'"  sing N N 86  
DG  "O4'" "C1'"  sing N N 87  
DG  "C3'" "O3'"  sing N N 88  
DG  "C3'" "C2'"  sing N N 89  
DG  "C3'" "H3'"  sing N N 90  
DG  "O3'" "HO3'" sing N N 91  
DG  "C2'" "C1'"  sing N N 92  
DG  "C2'" "H2'"  sing N N 93  
DG  "C2'" "H2''" sing N N 94  
DG  "C1'" N9     sing N N 95  
DG  "C1'" "H1'"  sing N N 96  
DG  N9    C8     sing Y N 97  
DG  N9    C4     sing Y N 98  
DG  C8    N7     doub Y N 99  
DG  C8    H8     sing N N 100 
DG  N7    C5     sing Y N 101 
DG  C5    C6     sing N N 102 
DG  C5    C4     doub Y N 103 
DG  C6    O6     doub N N 104 
DG  C6    N1     sing N N 105 
DG  N1    C2     sing N N 106 
DG  N1    H1     sing N N 107 
DG  C2    N2     sing N N 108 
DG  C2    N3     doub N N 109 
DG  N2    H21    sing N N 110 
DG  N2    H22    sing N N 111 
DG  N3    C4     sing N N 112 
DT  OP3   P      sing N N 113 
DT  OP3   HOP3   sing N N 114 
DT  P     OP1    doub N N 115 
DT  P     OP2    sing N N 116 
DT  P     "O5'"  sing N N 117 
DT  OP2   HOP2   sing N N 118 
DT  "O5'" "C5'"  sing N N 119 
DT  "C5'" "C4'"  sing N N 120 
DT  "C5'" "H5'"  sing N N 121 
DT  "C5'" "H5''" sing N N 122 
DT  "C4'" "O4'"  sing N N 123 
DT  "C4'" "C3'"  sing N N 124 
DT  "C4'" "H4'"  sing N N 125 
DT  "O4'" "C1'"  sing N N 126 
DT  "C3'" "O3'"  sing N N 127 
DT  "C3'" "C2'"  sing N N 128 
DT  "C3'" "H3'"  sing N N 129 
DT  "O3'" "HO3'" sing N N 130 
DT  "C2'" "C1'"  sing N N 131 
DT  "C2'" "H2'"  sing N N 132 
DT  "C2'" "H2''" sing N N 133 
DT  "C1'" N1     sing N N 134 
DT  "C1'" "H1'"  sing N N 135 
DT  N1    C2     sing N N 136 
DT  N1    C6     sing N N 137 
DT  C2    O2     doub N N 138 
DT  C2    N3     sing N N 139 
DT  N3    C4     sing N N 140 
DT  N3    H3     sing N N 141 
DT  C4    O4     doub N N 142 
DT  C4    C5     sing N N 143 
DT  C5    C7     sing N N 144 
DT  C5    C6     doub N N 145 
DT  C7    H71    sing N N 146 
DT  C7    H72    sing N N 147 
DT  C7    H73    sing N N 148 
DT  C6    H6     sing N N 149 
HOH O     H1     sing N N 150 
HOH O     H2     sing N N 151 
# 
_ndb_struct_conf_na.entry_id   8EPG 
_ndb_struct_conf_na.feature    'b-form double helix' 
# 
loop_
_ndb_struct_na_base_pair.model_number 
_ndb_struct_na_base_pair.i_label_asym_id 
_ndb_struct_na_base_pair.i_label_comp_id 
_ndb_struct_na_base_pair.i_label_seq_id 
_ndb_struct_na_base_pair.i_symmetry 
_ndb_struct_na_base_pair.j_label_asym_id 
_ndb_struct_na_base_pair.j_label_comp_id 
_ndb_struct_na_base_pair.j_label_seq_id 
_ndb_struct_na_base_pair.j_symmetry 
_ndb_struct_na_base_pair.shear 
_ndb_struct_na_base_pair.stretch 
_ndb_struct_na_base_pair.stagger 
_ndb_struct_na_base_pair.buckle 
_ndb_struct_na_base_pair.propeller 
_ndb_struct_na_base_pair.opening 
_ndb_struct_na_base_pair.pair_number 
_ndb_struct_na_base_pair.pair_name 
_ndb_struct_na_base_pair.i_auth_asym_id 
_ndb_struct_na_base_pair.i_auth_seq_id 
_ndb_struct_na_base_pair.i_PDB_ins_code 
_ndb_struct_na_base_pair.j_auth_asym_id 
_ndb_struct_na_base_pair.j_auth_seq_id 
_ndb_struct_na_base_pair.j_PDB_ins_code 
_ndb_struct_na_base_pair.hbond_type_28 
_ndb_struct_na_base_pair.hbond_type_12 
1 A DA 3 1_555 B DT 3 1_555 0.115  -0.051 -0.576 -7.477 -13.850 -2.556 1 A_DA3:DT3_C A 3 ? C 3 ? 20 1 
1 A DC 4 1_555 B DG 2 1_555 0.536  -0.008 -0.043 -1.382 -9.012  0.326  2 A_DC4:DG2_C A 4 ? C 2 ? 19 1 
1 A DG 5 1_555 B DC 1 1_555 -0.169 -0.032 0.208  1.323  -5.235  4.487  3 A_DG5:DC1_C A 5 ? C 1 ? 19 1 
1 B DG 4 1_555 C DC 3 1_555 -0.225 -0.055 0.307  7.101  -7.948  1.819  4 C_DG4:DC3_B C 4 ? B 3 ? 19 1 
1 B DG 5 1_555 C DC 2 1_555 -0.179 -0.128 0.089  -3.002 -12.410 -0.198 5 C_DG5:DC2_B C 5 ? B 2 ? 19 1 
1 B DC 6 1_555 C DG 1 1_555 0.240  -0.123 -0.140 -4.838 -6.386  2.862  6 C_DC6:DG1_B C 6 ? B 1 ? 19 1 
# 
loop_
_ndb_struct_na_base_pair_step.model_number 
_ndb_struct_na_base_pair_step.i_label_asym_id_1 
_ndb_struct_na_base_pair_step.i_label_comp_id_1 
_ndb_struct_na_base_pair_step.i_label_seq_id_1 
_ndb_struct_na_base_pair_step.i_symmetry_1 
_ndb_struct_na_base_pair_step.j_label_asym_id_1 
_ndb_struct_na_base_pair_step.j_label_comp_id_1 
_ndb_struct_na_base_pair_step.j_label_seq_id_1 
_ndb_struct_na_base_pair_step.j_symmetry_1 
_ndb_struct_na_base_pair_step.i_label_asym_id_2 
_ndb_struct_na_base_pair_step.i_label_comp_id_2 
_ndb_struct_na_base_pair_step.i_label_seq_id_2 
_ndb_struct_na_base_pair_step.i_symmetry_2 
_ndb_struct_na_base_pair_step.j_label_asym_id_2 
_ndb_struct_na_base_pair_step.j_label_comp_id_2 
_ndb_struct_na_base_pair_step.j_label_seq_id_2 
_ndb_struct_na_base_pair_step.j_symmetry_2 
_ndb_struct_na_base_pair_step.shift 
_ndb_struct_na_base_pair_step.slide 
_ndb_struct_na_base_pair_step.rise 
_ndb_struct_na_base_pair_step.tilt 
_ndb_struct_na_base_pair_step.roll 
_ndb_struct_na_base_pair_step.twist 
_ndb_struct_na_base_pair_step.x_displacement 
_ndb_struct_na_base_pair_step.y_displacement 
_ndb_struct_na_base_pair_step.helical_rise 
_ndb_struct_na_base_pair_step.inclination 
_ndb_struct_na_base_pair_step.tip 
_ndb_struct_na_base_pair_step.helical_twist 
_ndb_struct_na_base_pair_step.step_number 
_ndb_struct_na_base_pair_step.step_name 
_ndb_struct_na_base_pair_step.i_auth_asym_id_1 
_ndb_struct_na_base_pair_step.i_auth_seq_id_1 
_ndb_struct_na_base_pair_step.i_PDB_ins_code_1 
_ndb_struct_na_base_pair_step.j_auth_asym_id_1 
_ndb_struct_na_base_pair_step.j_auth_seq_id_1 
_ndb_struct_na_base_pair_step.j_PDB_ins_code_1 
_ndb_struct_na_base_pair_step.i_auth_asym_id_2 
_ndb_struct_na_base_pair_step.i_auth_seq_id_2 
_ndb_struct_na_base_pair_step.i_PDB_ins_code_2 
_ndb_struct_na_base_pair_step.j_auth_asym_id_2 
_ndb_struct_na_base_pair_step.j_auth_seq_id_2 
_ndb_struct_na_base_pair_step.j_PDB_ins_code_2 
1 A DA 3 1_555 B DT 3 1_555 A DC 4 1_555 B DG 2 1_555 0.232  -0.259 3.222 -4.059 2.034  32.106 -0.814 -1.115 3.148 3.655  7.294  
32.417 1 AA_DA3DC4:DG2DT3_CC A 3 ? C 3 ? A 4 ? C 2 ? 
1 A DC 4 1_555 B DG 2 1_555 A DG 5 1_555 B DC 1 1_555 -0.012 0.562  3.182 -1.443 6.774  33.786 -0.093 -0.201 3.228 11.505 2.450  
34.468 2 AA_DC4DG5:DC1DG2_CC A 4 ? C 2 ? A 5 ? C 1 ? 
1 B DG 4 1_555 C DC 3 1_555 B DG 5 1_555 C DC 2 1_555 -0.056 -0.518 3.517 0.370  5.575  35.474 -1.689 0.147  3.398 9.080  -0.603 
35.897 3 CC_DG4DG5:DC2DC3_BB C 4 ? B 3 ? C 5 ? B 2 ? 
1 B DG 5 1_555 C DC 2 1_555 B DC 6 1_555 C DG 1 1_555 0.383  0.319  3.420 1.710  -0.639 35.455 0.622  -0.366 3.428 -1.048 -2.805 
35.500 4 CC_DG5DC6:DG1DC2_BB C 5 ? B 2 ? C 6 ? B 1 ? 
# 
loop_
_pdbx_audit_support.funding_organization 
_pdbx_audit_support.country 
_pdbx_audit_support.grant_number 
_pdbx_audit_support.ordinal 
'National Science Foundation (NSF, United States)'                                         'United States' CMMI-2025187 1 
'National Science Foundation (NSF, United States)'                                         'United States' CCF-2107393  2 
'National Institutes of Health/National Institute of General Medical Sciences (NIH/NIGMS)' 'United States' 1R01GM127884 3 
'National Institutes of Health/National Institute of General Medical Sciences (NIH/NIGMS)' 'United States' 1R01GM127896 4 
# 
_pdbx_initial_refinement_model.accession_code   ? 
_pdbx_initial_refinement_model.id               1 
_pdbx_initial_refinement_model.entity_id_list   ? 
_pdbx_initial_refinement_model.type             'in silico model' 
_pdbx_initial_refinement_model.source_name      Other 
_pdbx_initial_refinement_model.details          'ideal B type DNA duplexes generated in Cadnano' 
# 
_space_group.name_H-M_alt     'P 43 2 2' 
_space_group.name_Hall        'P 4cw 2c' 
_space_group.IT_number        95 
_space_group.crystal_system   tetragonal 
_space_group.id               1 
# 
_atom_sites.entry_id                    8EPG 
_atom_sites.Cartn_transf_matrix[1][1]   ? 
_atom_sites.Cartn_transf_matrix[1][2]   ? 
_atom_sites.Cartn_transf_matrix[1][3]   ? 
_atom_sites.Cartn_transf_matrix[2][1]   ? 
_atom_sites.Cartn_transf_matrix[2][2]   ? 
_atom_sites.Cartn_transf_matrix[2][3]   ? 
_atom_sites.Cartn_transf_matrix[3][1]   ? 
_atom_sites.Cartn_transf_matrix[3][2]   ? 
_atom_sites.Cartn_transf_matrix[3][3]   ? 
_atom_sites.Cartn_transf_vector[1]      ? 
_atom_sites.Cartn_transf_vector[2]      ? 
_atom_sites.Cartn_transf_vector[3]      ? 
_atom_sites.fract_transf_matrix[1][1]   -0.02379605 
_atom_sites.fract_transf_matrix[1][2]   -0.00150860 
_atom_sites.fract_transf_matrix[1][3]   -0.01528239 
_atom_sites.fract_transf_matrix[2][1]   0.01351026 
_atom_sites.fract_transf_matrix[2][2]   -0.01545551 
_atom_sites.fract_transf_matrix[2][3]   -0.01951100 
_atom_sites.fract_transf_matrix[3][1]   -0.00246957 
_atom_sites.fract_transf_matrix[3][2]   -0.00801146 
_atom_sites.fract_transf_matrix[3][3]   0.00463619 
_atom_sites.fract_transf_vector[1]      0.287336 
_atom_sites.fract_transf_vector[2]      0.208896 
_atom_sites.fract_transf_vector[3]      0.061707 
_atom_sites.solution_primary            ? 
_atom_sites.solution_secondary          ? 
_atom_sites.solution_hydrogens          ? 
_atom_sites.special_details             ? 
# 
loop_
_atom_type.symbol 
_atom_type.scat_dispersion_real 
_atom_type.scat_dispersion_imag 
_atom_type.scat_Cromer_Mann_a1 
_atom_type.scat_Cromer_Mann_a2 
_atom_type.scat_Cromer_Mann_a3 
_atom_type.scat_Cromer_Mann_a4 
_atom_type.scat_Cromer_Mann_b1 
_atom_type.scat_Cromer_Mann_b2 
_atom_type.scat_Cromer_Mann_b3 
_atom_type.scat_Cromer_Mann_b4 
_atom_type.scat_Cromer_Mann_c 
_atom_type.scat_source 
_atom_type.scat_dispersion_source 
C ? ? 3.54356 2.42580 ? ? 25.62398 1.50364  ? ? 0.0 
;2-Gaussian fit: Grosse-Kunstleve RW, Sauter NK, Adams PD: Newsletter of the IUCr Commission on Crystallographic Computing 2004, 3, 22-31.
;
? 
N ? ? 4.01032 2.96436 ? ? 19.97189 1.75589  ? ? 0.0 
;2-Gaussian fit: Grosse-Kunstleve RW, Sauter NK, Adams PD: Newsletter of the IUCr Commission on Crystallographic Computing 2004, 3, 22-31.
;
? 
O ? ? 4.49882 3.47563 ? ? 15.80542 1.70748  ? ? 0.0 
;2-Gaussian fit: Grosse-Kunstleve RW, Sauter NK, Adams PD: Newsletter of the IUCr Commission on Crystallographic Computing 2004, 3, 22-31.
;
? 
P ? ? 9.51135 5.44231 ? ? 1.42069  35.72801 ? ? 0.0 
;2-Gaussian fit: Grosse-Kunstleve RW, Sauter NK, Adams PD: Newsletter of the IUCr Commission on Crystallographic Computing 2004, 3, 22-31.
;
? 
# 
loop_
_atom_site.group_PDB 
_atom_site.id 
_atom_site.type_symbol 
_atom_site.label_atom_id 
_atom_site.label_alt_id 
_atom_site.label_comp_id 
_atom_site.label_asym_id 
_atom_site.label_entity_id 
_atom_site.label_seq_id 
_atom_site.pdbx_PDB_ins_code 
_atom_site.Cartn_x 
_atom_site.Cartn_y 
_atom_site.Cartn_z 
_atom_site.occupancy 
_atom_site.B_iso_or_equiv 
_atom_site.pdbx_formal_charge 
_atom_site.auth_seq_id 
_atom_site.auth_comp_id 
_atom_site.auth_asym_id 
_atom_site.auth_atom_id 
_atom_site.pdbx_PDB_model_num 
ATOM   1   O "O5'" . DC  A 1 1 ? 14.94372  9.01781   10.62500  1.000 46.24167 ? 1   DC  A "O5'" 1 
ATOM   2   C "C5'" . DC  A 1 1 ? 15.33385  10.13072  11.38537  1.000 43.80874 ? 1   DC  A "C5'" 1 
ATOM   3   C "C4'" . DC  A 1 1 ? 14.17345  11.06278  11.51699  1.000 43.84094 ? 1   DC  A "C4'" 1 
ATOM   4   O "O4'" . DC  A 1 1 ? 13.81346  11.52972  10.20825  1.000 43.71393 ? 1   DC  A "O4'" 1 
ATOM   5   C "C3'" . DC  A 1 1 ? 12.90834  10.40599  12.01318  1.000 49.87337 ? 1   DC  A "C3'" 1 
ATOM   6   O "O3'" . DC  A 1 1 ? 12.89269  10.37147  13.40565  1.000 51.07271 ? 1   DC  A "O3'" 1 
ATOM   7   C "C2'" . DC  A 1 1 ? 11.85503  11.36463  11.50704  1.000 49.29191 ? 1   DC  A "C2'" 1 
ATOM   8   C "C1'" . DC  A 1 1 ? 12.42016  11.77682  10.17002  1.000 43.09395 ? 1   DC  A "C1'" 1 
ATOM   9   N N1    . DC  A 1 1 ? 11.84684  11.03026  9.08705   1.000 41.28329 ? 1   DC  A N1    1 
ATOM   10  C C2    . DC  A 1 1 ? 10.52408  11.26997  8.71582   1.000 42.55351 ? 1   DC  A C2    1 
ATOM   11  O O2    . DC  A 1 1 ? 9.86156   12.11518  9.32774   1.000 43.73608 ? 1   DC  A O2    1 
ATOM   12  N N3    . DC  A 1 1 ? 10.00306  10.57215  7.69528   1.000 41.99438 ? 1   DC  A N3    1 
ATOM   13  C C4    . DC  A 1 1 ? 10.74528  9.67629   7.06330   1.000 41.82221 ? 1   DC  A C4    1 
ATOM   14  N N4    . DC  A 1 1 ? 10.19011  9.01832   6.04959   1.000 43.82587 ? 1   DC  A N4    1 
ATOM   15  C C5    . DC  A 1 1 ? 12.09198  9.41689   7.43404   1.000 42.88162 ? 1   DC  A C5    1 
ATOM   16  C C6    . DC  A 1 1 ? 12.59434  10.10917  8.44677   1.000 41.35362 ? 1   DC  A C6    1 
ATOM   17  P P     . DG  A 1 2 ? 12.24619  9.12208   14.16126  1.000 55.38093 ? 2   DG  A P     1 
ATOM   18  O OP1   . DG  A 1 2 ? 13.26913  8.78488   15.18186  1.000 55.44595 ? 2   DG  A OP1   1 
ATOM   19  O OP2   . DG  A 1 2 ? 11.81670  8.10768   13.17269  1.000 54.46492 ? 2   DG  A OP2   1 
ATOM   20  O "O5'" . DG  A 1 2 ? 10.89714  9.69560   14.81285  1.000 49.67748 ? 2   DG  A "O5'" 1 
ATOM   21  C "C5'" . DG  A 1 2 ? 10.37641  10.94052  14.39309  1.000 48.37314 ? 2   DG  A "C5'" 1 
ATOM   22  C "C4'" . DG  A 1 2 ? 8.87250   10.86915  14.23438  1.000 48.92931 ? 2   DG  A "C4'" 1 
ATOM   23  O "O4'" . DG  A 1 2 ? 8.50924   10.83385  12.81755  1.000 48.99950 ? 2   DG  A "O4'" 1 
ATOM   24  C "C3'" . DG  A 1 2 ? 8.20868   9.64748   14.87568  1.000 50.17528 ? 2   DG  A "C3'" 1 
ATOM   25  O "O3'" . DG  A 1 2 ? 6.94699   10.02001  15.34502  1.000 56.52740 ? 2   DG  A "O3'" 1 
ATOM   26  C "C2'" . DG  A 1 2 ? 8.06695   8.71689   13.69376  1.000 52.62436 ? 2   DG  A "C2'" 1 
ATOM   27  C "C1'" . DG  A 1 2 ? 7.68097   9.70978   12.60202  1.000 52.47387 ? 2   DG  A "C1'" 1 
ATOM   28  N N9    . DG  A 1 2 ? 7.89209   9.16452   11.25783  1.000 49.82040 ? 2   DG  A N9    1 
ATOM   29  C C8    . DG  A 1 2 ? 9.02471   8.55302   10.78045  1.000 44.38475 ? 2   DG  A C8    1 
ATOM   30  N N7    . DG  A 1 2 ? 8.90550   8.13082   9.56257   1.000 41.31487 ? 2   DG  A N7    1 
ATOM   31  C C5    . DG  A 1 2 ? 7.60762   8.45521   9.21600   1.000 41.12582 ? 2   DG  A C5    1 
ATOM   32  C C6    . DG  A 1 2 ? 6.91675   8.24387   8.01132   1.000 40.96626 ? 2   DG  A C6    1 
ATOM   33  O O6    . DG  A 1 2 ? 7.32183   7.69888   6.98078   1.000 40.64290 ? 2   DG  A O6    1 
ATOM   34  N N1    . DG  A 1 2 ? 5.61873   8.72643   8.07095   1.000 44.25051 ? 2   DG  A N1    1 
ATOM   35  C C2    . DG  A 1 2 ? 5.05705   9.34441   9.16369   1.000 46.94283 ? 2   DG  A C2    1 
ATOM   36  N N2    . DG  A 1 2 ? 3.77652   9.75121   9.03013   1.000 46.62040 ? 2   DG  A N2    1 
ATOM   37  N N3    . DG  A 1 2 ? 5.70282   9.55805   10.30125  1.000 46.68104 ? 2   DG  A N3    1 
ATOM   38  C C4    . DG  A 1 2 ? 6.96824   9.08257   10.25092  1.000 43.68365 ? 2   DG  A C4    1 
ATOM   39  P P     . DA  A 1 3 ? 6.06243   9.07036   16.29575  1.000 60.02598 ? 3   DA  A P     1 
ATOM   40  O OP1   . DA  A 1 3 ? 6.62592   9.23867   17.65730  1.000 58.47786 ? 3   DA  A OP1   1 
ATOM   41  O OP2   . DA  A 1 3 ? 5.90254   7.70353   15.75638  1.000 57.05230 ? 3   DA  A OP2   1 
ATOM   42  O "O5'" . DA  A 1 3 ? 4.62369   9.73127   16.13275  1.000 51.35815 ? 3   DA  A "O5'" 1 
ATOM   43  C "C5'" . DA  A 1 3 ? 4.32947   10.45309  14.92346  1.000 48.47682 ? 3   DA  A "C5'" 1 
ATOM   44  C "C4'" . DA  A 1 3 ? 3.01060   9.99930   14.35108  1.000 48.07878 ? 3   DA  A "C4'" 1 
ATOM   45  O "O4'" . DA  A 1 3 ? 3.21962   9.38349   13.05933  1.000 54.09056 ? 3   DA  A "O4'" 1 
ATOM   46  C "C3'" . DA  A 1 3 ? 2.31631   8.92979   15.16458  1.000 54.01819 ? 3   DA  A "C3'" 1 
ATOM   47  O "O3'" . DA  A 1 3 ? 0.95423   8.96427   14.86593  1.000 53.39056 ? 3   DA  A "O3'" 1 
ATOM   48  C "C2'" . DA  A 1 3 ? 2.95401   7.65809   14.61286  1.000 53.69009 ? 3   DA  A "C2'" 1 
ATOM   49  C "C1'" . DA  A 1 3 ? 2.89656   7.98982   13.13523  1.000 53.21987 ? 3   DA  A "C1'" 1 
ATOM   50  N N9    . DA  A 1 3 ? 3.84868   7.25419   12.30339  1.000 47.22971 ? 3   DA  A N9    1 
ATOM   51  C C8    . DA  A 1 3 ? 5.12961   6.92364   12.62076  1.000 48.90965 ? 3   DA  A C8    1 
ATOM   52  N N7    . DA  A 1 3 ? 5.76853   6.30656   11.65891  1.000 48.03689 ? 3   DA  A N7    1 
ATOM   53  C C5    . DA  A 1 3 ? 4.84464   6.24021   10.63884  1.000 46.05318 ? 3   DA  A C5    1 
ATOM   54  C C6    . DA  A 1 3 ? 4.90391   5.69547   9.34505   1.000 45.73522 ? 3   DA  A C6    1 
ATOM   55  N N6    . DA  A 1 3 ? 6.00098   5.08759   8.86248   1.000 44.56802 ? 3   DA  A N6    1 
ATOM   56  N N1    . DA  A 1 3 ? 3.80117   5.79488   8.56656   1.000 43.39215 ? 3   DA  A N1    1 
ATOM   57  C C2    . DA  A 1 3 ? 2.71544   6.39630   9.07218   1.000 43.57784 ? 3   DA  A C2    1 
ATOM   58  N N3    . DA  A 1 3 ? 2.54535   6.93925   10.27694  1.000 43.39665 ? 3   DA  A N3    1 
ATOM   59  C C4    . DA  A 1 3 ? 3.65113   6.82694   11.01378  1.000 43.36164 ? 3   DA  A C4    1 
ATOM   60  P P     . DC  A 1 4 ? -0.09631  8.34464   15.89614  1.000 58.76746 ? 4   DC  A P     1 
ATOM   61  O OP1   . DC  A 1 4 ? -0.75897  9.56918   16.38149  1.000 54.97819 ? 4   DC  A OP1   1 
ATOM   62  O OP2   . DC  A 1 4 ? 0.57874   7.40885   16.84273  1.000 53.98614 ? 4   DC  A OP2   1 
ATOM   63  O "O5'" . DC  A 1 4 ? -1.06358  7.45220   14.97686  1.000 51.62183 ? 4   DC  A "O5'" 1 
ATOM   64  C "C5'" . DC  A 1 4 ? -1.10114  7.67905   13.58757  1.000 47.68600 ? 4   DC  A "C5'" 1 
ATOM   65  C "C4'" . DC  A 1 4 ? -1.47980  6.41502   12.83595  1.000 50.11202 ? 4   DC  A "C4'" 1 
ATOM   66  O "O4'" . DC  A 1 4 ? -0.31832  5.89089   12.13046  1.000 49.53311 ? 4   DC  A "O4'" 1 
ATOM   67  C "C3'" . DC  A 1 4 ? -2.01429  5.24806   13.68634  1.000 53.38361 ? 4   DC  A "C3'" 1 
ATOM   68  O "O3'" . DC  A 1 4 ? -3.05488  4.58372   12.96619  1.000 54.56223 ? 4   DC  A "O3'" 1 
ATOM   69  C "C2'" . DC  A 1 4 ? -0.79110  4.34422   13.77390  1.000 52.88508 ? 4   DC  A "C2'" 1 
ATOM   70  C "C1'" . DC  A 1 4 ? -0.25671  4.50635   12.36441  1.000 48.32690 ? 4   DC  A "C1'" 1 
ATOM   71  N N1    . DC  A 1 4 ? 1.13402   4.04330   12.19221  1.000 48.22956 ? 4   DC  A N1    1 
ATOM   72  C C2    . DC  A 1 4 ? 1.51520   3.48669   10.98567  1.000 44.80135 ? 4   DC  A C2    1 
ATOM   73  O O2    . DC  A 1 4 ? 0.68331   3.40255   10.08655  1.000 45.36005 ? 4   DC  A O2    1 
ATOM   74  N N3    . DC  A 1 4 ? 2.79065   3.06221   10.83194  1.000 44.12411 ? 4   DC  A N3    1 
ATOM   75  C C4    . DC  A 1 4 ? 3.65558   3.17151   11.84392  1.000 47.16211 ? 4   DC  A C4    1 
ATOM   76  N N4    . DC  A 1 4 ? 4.90542   2.74003   11.65189  1.000 51.07399 ? 4   DC  A N4    1 
ATOM   77  C C5    . DC  A 1 4 ? 3.28452   3.73756   13.08884  1.000 47.82453 ? 4   DC  A C5    1 
ATOM   78  C C6    . DC  A 1 4 ? 2.02190   4.15409   13.21993  1.000 52.14642 ? 4   DC  A C6    1 
ATOM   79  P P     . DG  A 1 5 ? -4.33609  3.92983   13.69107  1.000 56.38506 ? 5   DG  A P     1 
ATOM   80  O OP1   . DG  A 1 5 ? -5.35303  5.00258   13.56599  1.000 53.88301 ? 5   DG  A OP1   1 
ATOM   81  O OP2   . DG  A 1 5 ? -4.08028  3.28898   15.01280  1.000 45.54295 ? 5   DG  A OP2   1 
ATOM   82  O "O5'" . DG  A 1 5 ? -4.69803  2.74250   12.69910  1.000 49.84753 ? 5   DG  A "O5'" 1 
ATOM   83  C "C5'" . DG  A 1 5 ? -4.80683  3.02136   11.32310  1.000 47.71306 ? 5   DG  A "C5'" 1 
ATOM   84  C "C4'" . DG  A 1 5 ? -4.66480  1.75986   10.50109  1.000 50.54248 ? 5   DG  A "C4'" 1 
ATOM   85  O "O4'" . DG  A 1 5 ? -3.26574  1.47974   10.28664  1.000 52.00585 ? 5   DG  A "O4'" 1 
ATOM   86  C "C3'" . DG  A 1 5 ? -5.26470  0.50586   11.11447  1.000 49.97674 ? 5   DG  A "C3'" 1 
ATOM   87  O "O3'" . DG  A 1 5 ? -5.83428  -0.25574  10.10103  1.000 50.40151 ? 5   DG  A "O3'" 1 
ATOM   88  C "C2'" . DG  A 1 5 ? -4.06068  -0.19527  11.73660  1.000 47.03032 ? 5   DG  A "C2'" 1 
ATOM   89  C "C1'" . DG  A 1 5 ? -2.93752  0.20746   10.79505  1.000 50.53843 ? 5   DG  A "C1'" 1 
ATOM   90  N N9    . DG  A 1 5 ? -1.61811  0.29790   11.42880  1.000 51.88786 ? 5   DG  A N9    1 
ATOM   91  C C8    . DG  A 1 5 ? -1.30988  0.82176   12.67089  1.000 52.70688 ? 5   DG  A C8    1 
ATOM   92  N N7    . DG  A 1 5 ? -0.03276  0.76576   12.95486  1.000 49.48493 ? 5   DG  A N7    1 
ATOM   93  C C5    . DG  A 1 5 ? 0.53530   0.17830   11.83453  1.000 43.67393 ? 5   DG  A C5    1 
ATOM   94  C C6    . DG  A 1 5 ? 1.88180   -0.14761  11.56937  1.000 46.55109 ? 5   DG  A C6    1 
ATOM   95  O O6    . DG  A 1 5 ? 2.87929   0.03757   12.28624  1.000 48.54679 ? 5   DG  A O6    1 
ATOM   96  N N1    . DG  A 1 5 ? 2.02743   -0.74807  10.30023  1.000 47.55627 ? 5   DG  A N1    1 
ATOM   97  C C2    . DG  A 1 5 ? 0.98741   -0.98294  9.42086   1.000 46.97944 ? 5   DG  A C2    1 
ATOM   98  N N2    . DG  A 1 5 ? 1.29021   -1.55114  8.23953   1.000 40.46195 ? 5   DG  A N2    1 
ATOM   99  N N3    . DG  A 1 5 ? -0.27886  -0.67452  9.67885   1.000 47.81322 ? 5   DG  A N3    1 
ATOM   100 C C4    . DG  A 1 5 ? -0.42641  -0.10026  10.89526  1.000 45.72763 ? 5   DG  A C4    1 
ATOM   101 P P     . DC  B 2 1 ? 10.32457  -5.45030  6.99624   1.000 68.98839 ? 1   DC  C P     1 
ATOM   102 O OP1   . DC  B 2 1 ? 11.32766  -6.42519  6.52319   1.000 60.49955 ? 1   DC  C OP1   1 
ATOM   103 O OP2   . DC  B 2 1 ? 10.72829  -4.11945  7.53457   1.000 63.60755 ? 1   DC  C OP2   1 
ATOM   104 O "O5'" . DC  B 2 1 ? 9.22127   -5.27021  5.84466   1.000 62.75693 ? 1   DC  C "O5'" 1 
ATOM   105 C "C5'" . DC  B 2 1 ? 8.04746   -6.07631  5.85928   1.000 58.06738 ? 1   DC  C "C5'" 1 
ATOM   106 C "C4'" . DC  B 2 1 ? 6.84429   -5.25397  5.45320   1.000 53.30222 ? 1   DC  C "C4'" 1 
ATOM   107 O "O4'" . DC  B 2 1 ? 6.22624   -4.64542  6.62767   1.000 50.11698 ? 1   DC  C "O4'" 1 
ATOM   108 C "C3'" . DC  B 2 1 ? 7.18269   -4.10783  4.50919   1.000 52.31893 ? 1   DC  C "C3'" 1 
ATOM   109 O "O3'" . DC  B 2 1 ? 6.25053   -4.05135  3.45681   1.000 52.72938 ? 1   DC  C "O3'" 1 
ATOM   110 C "C2'" . DC  B 2 1 ? 7.08919   -2.87918  5.41137   1.000 53.62692 ? 1   DC  C "C2'" 1 
ATOM   111 C "C1'" . DC  B 2 1 ? 5.97438   -3.29299  6.34481   1.000 48.40454 ? 1   DC  C "C1'" 1 
ATOM   112 N N1    . DC  B 2 1 ? 5.95208   -2.55952  7.61043   1.000 45.16182 ? 1   DC  C N1    1 
ATOM   113 C C2    . DC  B 2 1 ? 4.73405   -2.13102  8.10374   1.000 45.89126 ? 1   DC  C C2    1 
ATOM   114 O O2    . DC  B 2 1 ? 3.72777   -2.38832  7.44945   1.000 47.62111 ? 1   DC  C O2    1 
ATOM   115 N N3    . DC  B 2 1 ? 4.68812   -1.45930  9.29145   1.000 44.36368 ? 1   DC  C N3    1 
ATOM   116 C C4    . DC  B 2 1 ? 5.81451   -1.21613  9.95819   1.000 45.18050 ? 1   DC  C C4    1 
ATOM   117 N N4    . DC  B 2 1 ? 5.73334   -0.55394  11.12157  1.000 45.75243 ? 1   DC  C N4    1 
ATOM   118 C C5    . DC  B 2 1 ? 7.08022   -1.65019  9.45907   1.000 48.41062 ? 1   DC  C C5    1 
ATOM   119 C C6    . DC  B 2 1 ? 7.10107   -2.31184  8.28882   1.000 48.85703 ? 1   DC  C C6    1 
ATOM   120 P P     . DG  B 2 2 ? 6.66730   -3.45437  2.02687   1.000 52.92913 ? 2   DG  C P     1 
ATOM   121 O OP1   . DG  B 2 2 ? 6.92783   -4.61928  1.17754   1.000 59.30702 ? 2   DG  C OP1   1 
ATOM   122 O OP2   . DG  B 2 2 ? 7.68020   -2.38659  2.17250   1.000 53.13028 ? 2   DG  C OP2   1 
ATOM   123 O "O5'" . DG  B 2 2 ? 5.32908   -2.77556  1.52385   1.000 55.51496 ? 2   DG  C "O5'" 1 
ATOM   124 C "C5'" . DG  B 2 2 ? 4.09389   -3.29204  1.97659   1.000 57.23962 ? 2   DG  C "C5'" 1 
ATOM   125 C "C4'" . DG  B 2 2 ? 3.09708   -2.16840  2.23563   1.000 55.71493 ? 2   DG  C "C4'" 1 
ATOM   126 O "O4'" . DG  B 2 2 ? 3.27508   -1.63035  3.56515   1.000 48.65943 ? 2   DG  C "O4'" 1 
ATOM   127 C "C3'" . DG  B 2 2 ? 3.19833   -0.95671  1.30911   1.000 55.05951 ? 2   DG  C "C3'" 1 
ATOM   128 O "O3'" . DG  B 2 2 ? 1.90135   -0.42957  1.18049   1.000 55.09134 ? 2   DG  C "O3'" 1 
ATOM   129 C "C2'" . DG  B 2 2 ? 4.08984   -0.01320  2.11320   1.000 46.06827 ? 2   DG  C "C2'" 1 
ATOM   130 C "C1'" . DG  B 2 2 ? 3.45733   -0.23783  3.46415   1.000 45.04066 ? 2   DG  C "C1'" 1 
ATOM   131 N N9    . DG  B 2 2 ? 4.23591   0.17671   4.60161   1.000 43.92541 ? 2   DG  C N9    1 
ATOM   132 C C8    . DG  B 2 2 ? 5.58117   0.06687   4.79388   1.000 45.06608 ? 2   DG  C C8    1 
ATOM   133 N N7    . DG  B 2 2 ? 5.96395   0.50953   5.96469   1.000 43.68140 ? 2   DG  C N7    1 
ATOM   134 C C5    . DG  B 2 2 ? 4.78911   0.91488   6.57169   1.000 41.66275 ? 2   DG  C C5    1 
ATOM   135 C C6    . DG  B 2 2 ? 4.56034   1.46972   7.84474   1.000 42.93835 ? 2   DG  C C6    1 
ATOM   136 O O6    . DG  B 2 2 ? 5.38432   1.72616   8.72650   1.000 44.70225 ? 2   DG  C O6    1 
ATOM   137 N N1    . DG  B 2 2 ? 3.20924   1.72909   8.05599   1.000 42.46273 ? 2   DG  C N1    1 
ATOM   138 C C2    . DG  B 2 2 ? 2.21046   1.47003   7.14327   1.000 41.55641 ? 2   DG  C C2    1 
ATOM   139 N N2    . DG  B 2 2 ? 0.96311   1.78167   7.50303   1.000 42.44643 ? 2   DG  C N2    1 
ATOM   140 N N3    . DG  B 2 2 ? 2.42032   0.95247   5.96065   1.000 41.78541 ? 2   DG  C N3    1 
ATOM   141 C C4    . DG  B 2 2 ? 3.72521   0.70514   5.74315   1.000 42.73075 ? 2   DG  C C4    1 
ATOM   142 P P     . DT  B 2 3 ? 1.39039   0.16837   -0.21728  1.000 59.73711 ? 3   DT  C P     1 
ATOM   143 O OP1   . DT  B 2 3 ? 0.46527   -0.79740  -0.88094  1.000 49.62124 ? 3   DT  C OP1   1 
ATOM   144 O OP2   . DT  B 2 3 ? 2.60867   0.68057   -0.90365  1.000 43.73455 ? 3   DT  C OP2   1 
ATOM   145 O "O5'" . DT  B 2 3 ? 0.47815   1.38138   0.26899   1.000 54.16579 ? 3   DT  C "O5'" 1 
ATOM   146 C "C5'" . DT  B 2 3 ? -0.17381  1.29663   1.52123   1.000 43.49049 ? 3   DT  C "C5'" 1 
ATOM   147 C "C4'" . DT  B 2 3 ? -0.24142  2.66290   2.14300   1.000 41.30200 ? 3   DT  C "C4'" 1 
ATOM   148 O "O4'" . DT  B 2 3 ? 0.74683   2.76916   3.18885   1.000 43.72006 ? 3   DT  C "O4'" 1 
ATOM   149 C "C3'" . DT  B 2 3 ? 0.06295   3.80451   1.17523   1.000 42.85724 ? 3   DT  C "C3'" 1 
ATOM   150 O "O3'" . DT  B 2 3 ? -0.98290  4.73688   1.20551   1.000 46.74214 ? 3   DT  C "O3'" 1 
ATOM   151 C "C2'" . DT  B 2 3 ? 1.35812   4.41080   1.73030   1.000 47.57999 ? 3   DT  C "C2'" 1 
ATOM   152 C "C1'" . DT  B 2 3 ? 1.21377   4.08259   3.19737   1.000 41.11006 ? 3   DT  C "C1'" 1 
ATOM   153 N N1    . DT  B 2 3 ? 2.46329   4.13028   3.96215   1.000 40.50508 ? 3   DT  C N1    1 
ATOM   154 C C2    . DT  B 2 3 ? 2.40566   4.42823   5.28265   1.000 40.66080 ? 3   DT  C C2    1 
ATOM   155 O O2    . DT  B 2 3 ? 1.36581   4.66327   5.85280   1.000 40.93229 ? 3   DT  C O2    1 
ATOM   156 N N3    . DT  B 2 3 ? 3.60902   4.43672   5.92375   1.000 40.51829 ? 3   DT  C N3    1 
ATOM   157 C C4    . DT  B 2 3 ? 4.83433   4.18082   5.36662   1.000 40.50925 ? 3   DT  C C4    1 
ATOM   158 O O4    . DT  B 2 3 ? 5.87696   4.21251   6.00636   1.000 42.75608 ? 3   DT  C O4    1 
ATOM   159 C C5    . DT  B 2 3 ? 4.81676   3.88459   3.97348   1.000 40.39705 ? 3   DT  C C5    1 
ATOM   160 C C7    . DT  B 2 3 ? 6.10528   3.59447   3.26558   1.000 45.36406 ? 3   DT  C C7    1 
ATOM   161 C C6    . DT  B 2 3 ? 3.64134   3.86936   3.34337   1.000 40.21426 ? 3   DT  C C6    1 
ATOM   162 P P     . DG  B 2 4 ? -2.14154  4.67391   0.09793   1.000 51.61308 ? 4   DG  C P     1 
ATOM   163 O OP1   . DG  B 2 4 ? -1.60126  5.10364   -1.21454  1.000 45.24813 ? 4   DG  C OP1   1 
ATOM   164 O OP2   . DG  B 2 4 ? -3.30740  5.37031   0.69653   1.000 54.39491 ? 4   DG  C OP2   1 
ATOM   165 O "O5'" . DG  B 2 4 ? -2.47887  3.12285   0.00920   1.000 43.49259 ? 4   DG  C "O5'" 1 
ATOM   166 C "C5'" . DG  B 2 4 ? -2.29538  2.44223   -1.18523  1.000 44.79776 ? 4   DG  C "C5'" 1 
ATOM   167 C "C4'" . DG  B 2 4 ? -3.61376  1.99748   -1.73991  1.000 42.10287 ? 4   DG  C "C4'" 1 
ATOM   168 O "O4'" . DG  B 2 4 ? -3.44909  1.54913   -3.10779  1.000 41.50920 ? 4   DG  C "O4'" 1 
ATOM   169 C "C3'" . DG  B 2 4 ? -4.23643  0.82890   -1.02297  1.000 44.65552 ? 4   DG  C "C3'" 1 
ATOM   170 O "O3'" . DG  B 2 4 ? -5.60788  0.86745   -1.29161  1.000 49.40588 ? 4   DG  C "O3'" 1 
ATOM   171 C "C2'" . DG  B 2 4 ? -3.57447  -0.33862  -1.74200  1.000 45.91206 ? 4   DG  C "C2'" 1 
ATOM   172 C "C1'" . DG  B 2 4 ? -3.67446  0.15602   -3.17613  1.000 44.40648 ? 4   DG  C "C1'" 1 
ATOM   173 N N9    . DG  B 2 4 ? -2.69292  -0.41356  -4.08851  1.000 46.75568 ? 4   DG  C N9    1 
ATOM   174 C C8    . DG  B 2 4 ? -1.34130  -0.50705  -3.88743  1.000 51.87242 ? 4   DG  C C8    1 
ATOM   175 N N7    . DG  B 2 4 ? -0.70592  -1.04954  -4.88661  1.000 52.65638 ? 4   DG  C N7    1 
ATOM   176 C C5    . DG  B 2 4 ? -1.69926  -1.31282  -5.81791  1.000 47.22428 ? 4   DG  C C5    1 
ATOM   177 C C6    . DG  B 2 4 ? -1.60528  -1.89471  -7.09480  1.000 47.46620 ? 4   DG  C C6    1 
ATOM   178 O O6    . DG  B 2 4 ? -0.59234  -2.30689  -7.68433  1.000 48.75067 ? 4   DG  C O6    1 
ATOM   179 N N1    . DG  B 2 4 ? -2.84579  -1.98670  -7.70070  1.000 46.03926 ? 4   DG  C N1    1 
ATOM   180 C C2    . DG  B 2 4 ? -4.01840  -1.56980  -7.13563  1.000 46.46092 ? 4   DG  C C2    1 
ATOM   181 N N2    . DG  B 2 4 ? -5.12659  -1.73446  -7.86223  1.000 49.28284 ? 4   DG  C N2    1 
ATOM   182 N N3    . DG  B 2 4 ? -4.11175  -1.03128  -5.94025  1.000 46.34745 ? 4   DG  C N3    1 
ATOM   183 C C4    . DG  B 2 4 ? -2.91828  -0.93043  -5.34069  1.000 44.07753 ? 4   DG  C C4    1 
ATOM   184 P P     . DG  B 2 5 ? -6.66599  0.12536   -0.34771  1.000 55.15114 ? 5   DG  C P     1 
ATOM   185 O OP1   . DG  B 2 5 ? -7.78060  1.09701   -0.19288  1.000 53.71025 ? 5   DG  C OP1   1 
ATOM   186 O OP2   . DG  B 2 5 ? -5.94236  -0.44599  0.81666   1.000 43.86654 ? 5   DG  C OP2   1 
ATOM   187 O "O5'" . DG  B 2 5 ? -7.23388  -1.02948  -1.28691  1.000 49.67041 ? 5   DG  C "O5'" 1 
ATOM   188 C "C5'" . DG  B 2 5 ? -7.66451  -0.68585  -2.59390  1.000 45.99381 ? 5   DG  C "C5'" 1 
ATOM   189 C "C4'" . DG  B 2 5 ? -8.01260  -1.93022  -3.35526  1.000 47.78602 ? 5   DG  C "C4'" 1 
ATOM   190 O "O4'" . DG  B 2 5 ? -6.87847  -2.35785  -4.15824  1.000 50.44613 ? 5   DG  C "O4'" 1 
ATOM   191 C "C3'" . DG  B 2 5 ? -8.36042  -3.10944  -2.47051  1.000 54.39435 ? 5   DG  C "C3'" 1 
ATOM   192 O "O3'" . DG  B 2 5 ? -9.45728  -3.79000  -3.04368  1.000 58.58206 ? 5   DG  C "O3'" 1 
ATOM   193 C "C2'" . DG  B 2 5 ? -7.07714  -3.95052  -2.50247  1.000 52.35526 ? 5   DG  C "C2'" 1 
ATOM   194 C "C1'" . DG  B 2 5 ? -6.62461  -3.71913  -3.92687  1.000 47.90609 ? 5   DG  C "C1'" 1 
ATOM   195 N N9    . DG  B 2 5 ? -5.20495  -3.94817  -4.15513  1.000 47.33136 ? 5   DG  C N9    1 
ATOM   196 C C8    . DG  B 2 5 ? -4.16532  -3.60894  -3.33117  1.000 50.64644 ? 5   DG  C C8    1 
ATOM   197 N N7    . DG  B 2 5 ? -2.99274  -3.92607  -3.81438  1.000 51.26196 ? 5   DG  C N7    1 
ATOM   198 C C5    . DG  B 2 5 ? -3.27745  -4.49734  -5.04464  1.000 50.07408 ? 5   DG  C C5    1 
ATOM   199 C C6    . DG  B 2 5 ? -2.40839  -5.03356  -6.04538  1.000 48.38211 ? 5   DG  C C6    1 
ATOM   200 O O6    . DG  B 2 5 ? -1.17843  -5.10826  -6.03198  1.000 47.73399 ? 5   DG  C O6    1 
ATOM   201 N N1    . DG  B 2 5 ? -3.10697  -5.51343  -7.13940  1.000 50.09499 ? 5   DG  C N1    1 
ATOM   202 C C2    . DG  B 2 5 ? -4.48160  -5.48590  -7.27234  1.000 52.39560 ? 5   DG  C C2    1 
ATOM   203 N N2    . DG  B 2 5 ? -4.98740  -6.01087  -8.41280  1.000 53.36767 ? 5   DG  C N2    1 
ATOM   204 N N3    . DG  B 2 5 ? -5.30732  -4.97925  -6.34555  1.000 51.07992 ? 5   DG  C N3    1 
ATOM   205 C C4    . DG  B 2 5 ? -4.63961  -4.51262  -5.26968  1.000 49.08650 ? 5   DG  C C4    1 
ATOM   206 P P     . DC  B 2 6 ? -10.33613 -4.82340  -2.18388  1.000 65.23084 ? 6   DC  C P     1 
ATOM   207 O OP1   . DC  B 2 6 ? -11.61729 -4.12105  -1.94251  1.000 57.00723 ? 6   DC  C OP1   1 
ATOM   208 O OP2   . DC  B 2 6 ? -9.56911  -5.38704  -1.03854  1.000 63.32356 ? 6   DC  C OP2   1 
ATOM   209 O "O5'" . DC  B 2 6 ? -10.51405 -6.00612  -3.21031  1.000 49.83420 ? 6   DC  C "O5'" 1 
ATOM   210 C "C5'" . DC  B 2 6 ? -10.28470 -5.72914  -4.55144  1.000 51.19010 ? 6   DC  C "C5'" 1 
ATOM   211 C "C4'" . DC  B 2 6 ? -9.69280  -6.92461  -5.22827  1.000 52.47137 ? 6   DC  C "C4'" 1 
ATOM   212 O "O4'" . DC  B 2 6 ? -8.25556  -6.83051  -5.21430  1.000 54.87740 ? 6   DC  C "O4'" 1 
ATOM   213 C "C3'" . DC  B 2 6 ? -10.03155 -8.25018  -4.56065  1.000 56.90319 ? 6   DC  C "C3'" 1 
ATOM   214 O "O3'" . DC  B 2 6 ? -10.38608 -9.18249  -5.56307  1.000 59.25121 ? 6   DC  C "O3'" 1 
ATOM   215 C "C2'" . DC  B 2 6 ? -8.72417  -8.63418  -3.86084  1.000 54.10429 ? 6   DC  C "C2'" 1 
ATOM   216 C "C1'" . DC  B 2 6 ? -7.72969  -8.08780  -4.85539  1.000 53.63554 ? 6   DC  C "C1'" 1 
ATOM   217 N N1    . DC  B 2 6 ? -6.36331  -7.88708  -4.31680  1.000 50.29385 ? 6   DC  C N1    1 
ATOM   218 C C2    . DC  B 2 6 ? -5.26295  -8.23046  -5.10612  1.000 49.83490 ? 6   DC  C C2    1 
ATOM   219 O O2    . DC  B 2 6 ? -5.46250  -8.70729  -6.22762  1.000 50.03703 ? 6   DC  C O2    1 
ATOM   220 N N3    . DC  B 2 6 ? -4.01782  -8.02636  -4.61669  1.000 49.54397 ? 6   DC  C N3    1 
ATOM   221 C C4    . DC  B 2 6 ? -3.86616  -7.49518  -3.39336  1.000 53.15702 ? 6   DC  C C4    1 
ATOM   222 N N4    . DC  B 2 6 ? -2.62519  -7.31100  -2.93420  1.000 57.34390 ? 6   DC  C N4    1 
ATOM   223 C C5    . DC  B 2 6 ? -4.97818  -7.13634  -2.58588  1.000 49.14599 ? 6   DC  C C5    1 
ATOM   224 C C6    . DC  B 2 6 ? -6.19585  -7.34692  -3.08374  1.000 50.00935 ? 6   DC  C C6    1 
ATOM   225 P P     . DG  C 3 1 ? 5.50665   -11.82075 -9.18751  1.000 60.24767 ? 1   DG  B P     1 
ATOM   226 O OP1   . DG  C 3 1 ? 6.59996   -12.82473 -9.06432  1.000 56.94131 ? 1   DG  B OP1   1 
ATOM   227 O OP2   . DG  C 3 1 ? 5.78781   -10.35888 -9.17682  1.000 54.66240 ? 1   DG  B OP2   1 
ATOM   228 O "O5'" . DG  C 3 1 ? 4.57567   -12.18383 -10.45205 1.000 61.65344 ? 1   DG  B "O5'" 1 
ATOM   229 C "C5'" . DG  C 3 1 ? 3.38497   -12.98118 -10.27603 1.000 62.04531 ? 1   DG  B "C5'" 1 
ATOM   230 C "C4'" . DG  C 3 1 ? 2.18609   -12.32453 -10.95054 1.000 65.10173 ? 1   DG  B "C4'" 1 
ATOM   231 O "O4'" . DG  C 3 1 ? 1.26045   -11.80337 -9.94646  1.000 64.18649 ? 1   DG  B "O4'" 1 
ATOM   232 C "C3'" . DG  C 3 1 ? 2.53355   -11.13351 -11.83121 1.000 62.95603 ? 1   DG  B "C3'" 1 
ATOM   233 O "O3'" . DG  C 3 1 ? 1.59122   -11.02852 -12.86340 1.000 68.54490 ? 1   DG  B "O3'" 1 
ATOM   234 C "C2'" . DG  C 3 1 ? 2.40588   -9.97574  -10.85934 1.000 58.68294 ? 1   DG  B "C2'" 1 
ATOM   235 C "C1'" . DG  C 3 1 ? 1.17194   -10.39992 -10.08168 1.000 56.29110 ? 1   DG  B "C1'" 1 
ATOM   236 N N9    . DG  C 3 1 ? 1.10308   -9.78875  -8.76801  1.000 51.03197 ? 1   DG  B N9    1 
ATOM   237 C C8    . DG  C 3 1 ? 2.14638   -9.27265  -8.03841  1.000 52.41231 ? 1   DG  B C8    1 
ATOM   238 N N7    . DG  C 3 1 ? 1.77930   -8.75731  -6.89639  1.000 53.36545 ? 1   DG  B N7    1 
ATOM   239 C C5    . DG  C 3 1 ? 0.39781   -8.94012  -6.87438  1.000 52.75121 ? 1   DG  B C5    1 
ATOM   240 C C6    . DG  C 3 1 ? -0.57019  -8.58684  -5.88388  1.000 48.43924 ? 1   DG  B C6    1 
ATOM   241 O O6    . DG  C 3 1 ? -0.38853  -8.02872  -4.79277  1.000 45.77882 ? 1   DG  B O6    1 
ATOM   242 N N1    . DG  C 3 1 ? -1.85165  -8.95602  -6.26384  1.000 49.38047 ? 1   DG  B N1    1 
ATOM   243 C C2    . DG  C 3 1 ? -2.16334  -9.58950  -7.45960  1.000 55.26814 ? 1   DG  B C2    1 
ATOM   244 N N2    . DG  C 3 1 ? -3.45435  -9.87387  -7.66100  1.000 59.94449 ? 1   DG  B N2    1 
ATOM   245 N N3    . DG  C 3 1 ? -1.27261  -9.93372  -8.38712  1.000 52.21573 ? 1   DG  B N3    1 
ATOM   246 C C4    . DG  C 3 1 ? -0.02667  -9.57502  -8.03186  1.000 51.70813 ? 1   DG  B C4    1 
ATOM   247 P P     . DC  C 3 2 ? 1.87200   -10.08247 -14.13375 1.000 78.25163 ? 2   DC  B P     1 
ATOM   248 O OP1   . DC  C 3 2 ? 2.71437   -10.86400 -15.06306 1.000 77.88937 ? 2   DC  B OP1   1 
ATOM   249 O OP2   . DC  C 3 2 ? 2.35092   -8.74563  -13.68380 1.000 62.73926 ? 2   DC  B OP2   1 
ATOM   250 O "O5'" . DC  C 3 2 ? 0.41675   -9.95080  -14.77806 1.000 69.91813 ? 2   DC  B "O5'" 1 
ATOM   251 C "C5'" . DC  C 3 2 ? -0.59853  -10.87298 -14.38709 1.000 65.48885 ? 2   DC  B "C5'" 1 
ATOM   252 C "C4'" . DC  C 3 2 ? -1.85470  -10.13378 -13.95072 1.000 66.10943 ? 2   DC  B "C4'" 1 
ATOM   253 O "O4'" . DC  C 3 2 ? -1.70451  -9.63029  -12.59533 1.000 62.09820 ? 2   DC  B "O4'" 1 
ATOM   254 C "C3'" . DC  C 3 2 ? -2.22056  -8.92650  -14.80365 1.000 64.14445 ? 2   DC  B "C3'" 1 
ATOM   255 O "O3'" . DC  C 3 2 ? -3.60298  -8.95867  -15.07264 1.000 66.85296 ? 2   DC  B "O3'" 1 
ATOM   256 C "C2'" . DC  C 3 2 ? -1.84696  -7.74412  -13.91345 1.000 58.04949 ? 2   DC  B "C2'" 1 
ATOM   257 C "C1'" . DC  C 3 2 ? -2.16603  -8.31012  -12.54629 1.000 56.98951 ? 2   DC  B "C1'" 1 
ATOM   258 N N1    . DC  C 3 2 ? -1.47032  -7.61333  -11.44732 1.000 52.56934 ? 2   DC  B N1    1 
ATOM   259 C C2    . DC  C 3 2 ? -2.18756  -7.16277  -10.34818 1.000 51.05510 ? 2   DC  B C2    1 
ATOM   260 O O2    . DC  C 3 2 ? -3.40117  -7.36189  -10.30805 1.000 52.26902 ? 2   DC  B O2    1 
ATOM   261 N N3    . DC  C 3 2 ? -1.52860  -6.51663  -9.34924  1.000 49.98424 ? 2   DC  B N3    1 
ATOM   262 C C4    . DC  C 3 2 ? -0.22129  -6.32525  -9.43559  1.000 49.08342 ? 2   DC  B C4    1 
ATOM   263 N N4    . DC  C 3 2 ? 0.38962   -5.68917  -8.43745  1.000 48.83494 ? 2   DC  B N4    1 
ATOM   264 C C5    . DC  C 3 2 ? 0.52131   -6.77828  -10.55152 1.000 53.28966 ? 2   DC  B C5    1 
ATOM   265 C C6    . DC  C 3 2 ? -0.13863  -7.41150  -11.52398 1.000 56.00031 ? 2   DC  B C6    1 
ATOM   266 P P     . DC  C 3 3 ? -4.23414  -7.91210  -16.11223 1.000 77.72416 ? 3   DC  B P     1 
ATOM   267 O OP1   . DC  C 3 3 ? -5.22414  -8.59921  -16.98266 1.000 75.24330 ? 3   DC  B OP1   1 
ATOM   268 O OP2   . DC  C 3 3 ? -3.10859  -7.11797  -16.68949 1.000 68.21959 ? 3   DC  B OP2   1 
ATOM   269 O "O5'" . DC  C 3 3 ? -5.07560  -6.96954  -15.17260 1.000 65.40002 ? 3   DC  B "O5'" 1 
ATOM   270 C "C5'" . DC  C 3 3 ? -5.78911  -7.51268  -14.06728 1.000 65.52844 ? 3   DC  B "C5'" 1 
ATOM   271 C "C4'" . DC  C 3 3 ? -6.65239  -6.42398  -13.49376 1.000 63.17322 ? 3   DC  B "C4'" 1 
ATOM   272 O "O4'" . DC  C 3 3 ? -5.98566  -5.83540  -12.33886 1.000 56.52451 ? 3   DC  B "O4'" 1 
ATOM   273 C "C3'" . DC  C 3 3 ? -6.85399  -5.29187  -14.48616 1.000 61.91711 ? 3   DC  B "C3'" 1 
ATOM   274 O "O3'" . DC  C 3 3 ? -8.13354  -4.72925  -14.35239 1.000 67.43856 ? 3   DC  B "O3'" 1 
ATOM   275 C "C2'" . DC  C 3 3 ? -5.74638  -4.30817  -14.12185 1.000 57.07759 ? 3   DC  B "C2'" 1 
ATOM   276 C "C1'" . DC  C 3 3 ? -5.65709  -4.48661  -12.61019 1.000 56.44669 ? 3   DC  B "C1'" 1 
ATOM   277 N N1    . DC  C 3 3 ? -4.30462  -4.18036  -12.07098 1.000 48.74178 ? 3   DC  B N1    1 
ATOM   278 C C2    . DC  C 3 3 ? -4.18685  -3.49954  -10.87359 1.000 46.13201 ? 3   DC  B C2    1 
ATOM   279 O O2    . DC  C 3 3 ? -5.21217  -3.19724  -10.26438 1.000 47.83810 ? 3   DC  B O2    1 
ATOM   280 N N3    . DC  C 3 3 ? -2.95182  -3.19538  -10.41196 1.000 46.61094 ? 3   DC  B N3    1 
ATOM   281 C C4    . DC  C 3 3 ? -1.87118  -3.54904  -11.11516 1.000 48.54054 ? 3   DC  B C4    1 
ATOM   282 N N4    . DC  C 3 3 ? -0.66611  -3.24773  -10.62151 1.000 49.18223 ? 3   DC  B N4    1 
ATOM   283 C C5    . DC  C 3 3 ? -1.97868  -4.24271  -12.34199 1.000 51.27979 ? 3   DC  B C5    1 
ATOM   284 C C6    . DC  C 3 3 ? -3.20447  -4.52237  -12.78405 1.000 52.98059 ? 3   DC  B C6    1 
ATOM   285 P P     . DG  C 3 4 ? -8.74477  -3.87225  -15.57057 1.000 78.77442 ? 4   DG  B P     1 
ATOM   286 O OP1   . DG  C 3 4 ? -9.70331  -4.78786  -16.23236 1.000 81.90971 ? 4   DG  B OP1   1 
ATOM   287 O OP2   . DG  C 3 4 ? -7.65994  -3.23749  -16.37209 1.000 62.49373 ? 4   DG  B OP2   1 
ATOM   288 O "O5'" . DG  C 3 4 ? -9.53718  -2.70762  -14.82894 1.000 62.19075 ? 4   DG  B "O5'" 1 
ATOM   289 C "C5'" . DG  C 3 4 ? -9.70099  -2.77267  -13.42935 1.000 62.02730 ? 4   DG  B "C5'" 1 
ATOM   290 C "C4'" . DG  C 3 4 ? -9.57604  -1.39012  -12.83136 1.000 61.49602 ? 4   DG  B "C4'" 1 
ATOM   291 O "O4'" . DG  C 3 4 ? -8.25609  -1.19708  -12.26870 1.000 55.98403 ? 4   DG  B "O4'" 1 
ATOM   292 C "C3'" . DG  C 3 4 ? -9.78446  -0.25201  -13.81387 1.000 61.12177 ? 4   DG  B "C3'" 1 
ATOM   293 O "O3'" . DG  C 3 4 ? -10.55550 0.74009   -13.17539 1.000 59.14253 ? 4   DG  B "O3'" 1 
ATOM   294 C "C2'" . DG  C 3 4 ? -8.35701  0.21432   -14.12338 1.000 53.96394 ? 4   DG  B "C2'" 1 
ATOM   295 C "C1'" . DG  C 3 4 ? -7.66696  -0.03263  -12.79868 1.000 53.05589 ? 4   DG  B "C1'" 1 
ATOM   296 N N9    . DG  C 3 4 ? -6.25407  -0.31467  -12.92447 1.000 51.99392 ? 4   DG  B N9    1 
ATOM   297 C C8    . DG  C 3 4 ? -5.65066  -1.00070  -13.93769 1.000 53.28405 ? 4   DG  B C8    1 
ATOM   298 N N7    . DG  C 3 4 ? -4.36613  -1.15272  -13.76489 1.000 55.45692 ? 4   DG  B N7    1 
ATOM   299 C C5    . DG  C 3 4 ? -4.10188  -0.52386  -12.54785 1.000 51.62645 ? 4   DG  B C5    1 
ATOM   300 C C6    . DG  C 3 4 ? -2.87977  -0.35397  -11.84270 1.000 49.31592 ? 4   DG  B C6    1 
ATOM   301 O O6    . DG  C 3 4 ? -1.73779  -0.75517  -12.16042 1.000 49.82355 ? 4   DG  B O6    1 
ATOM   302 N N1    . DG  C 3 4 ? -3.06776  0.34815   -10.66068 1.000 45.80177 ? 4   DG  B N1    1 
ATOM   303 C C2    . DG  C 3 4 ? -4.26976  0.82075   -10.20798 1.000 44.85528 ? 4   DG  B C2    1 
ATOM   304 N N2    . DG  C 3 4 ? -4.24531  1.47166   -9.04144  1.000 45.12134 ? 4   DG  B N2    1 
ATOM   305 N N3    . DG  C 3 4 ? -5.41325  0.67039   -10.85058 1.000 47.16753 ? 4   DG  B N3    1 
ATOM   306 C C4    . DG  C 3 4 ? -5.25799  -0.00693  -12.00946 1.000 49.80032 ? 4   DG  B C4    1 
ATOM   307 P P     . DC  C 3 5 ? -11.02900 2.05624   -13.95402 1.000 60.37092 ? 5   DC  B P     1 
ATOM   308 O OP1   . DC  C 3 5 ? -12.40342 2.28304   -13.45278 1.000 57.98007 ? 5   DC  B OP1   1 
ATOM   309 O OP2   . DC  C 3 5 ? -10.74548 1.97060   -15.40592 1.000 60.76495 ? 5   DC  B OP2   1 
ATOM   310 O "O5'" . DC  C 3 5 ? -10.04409 3.16064   -13.36898 1.000 59.38569 ? 5   DC  B "O5'" 1 
ATOM   311 C "C5'" . DC  C 3 5 ? -9.43087  2.94403   -12.07689 1.000 59.84071 ? 5   DC  B "C5'" 1 
ATOM   312 C "C4'" . DC  C 3 5 ? -8.69990  4.18638   -11.64145 1.000 52.59655 ? 5   DC  B "C4'" 1 
ATOM   313 O "O4'" . DC  C 3 5 ? -7.28971  3.90137   -11.51088 1.000 51.60046 ? 5   DC  B "O4'" 1 
ATOM   314 C "C3'" . DC  C 3 5 ? -8.79170  5.31345   -12.64416 1.000 49.37333 ? 5   DC  B "C3'" 1 
ATOM   315 O "O3'" . DC  C 3 5 ? -8.70525  6.51029   -11.98307 1.000 55.67878 ? 5   DC  B "O3'" 1 
ATOM   316 C "C2'" . DC  C 3 5 ? -7.57151  5.08492   -13.49979 1.000 48.23555 ? 5   DC  B "C2'" 1 
ATOM   317 C "C1'" . DC  C 3 5 ? -6.56665  4.65856   -12.45222 1.000 47.29035 ? 5   DC  B "C1'" 1 
ATOM   318 N N1    . DC  C 3 5 ? -5.51682  3.80790   -13.00159 1.000 46.82857 ? 5   DC  B N1    1 
ATOM   319 C C2    . DC  C 3 5 ? -4.30705  3.68707   -12.33055 1.000 46.44260 ? 5   DC  B C2    1 
ATOM   320 O O2    . DC  C 3 5 ? -4.13793  4.29801   -11.27129 1.000 46.33344 ? 5   DC  B O2    1 
ATOM   321 N N3    . DC  C 3 5 ? -3.35279  2.89633   -12.85526 1.000 50.24161 ? 5   DC  B N3    1 
ATOM   322 C C4    . DC  C 3 5 ? -3.57160  2.25170   -14.00550 1.000 52.25043 ? 5   DC  B C4    1 
ATOM   323 N N4    . DC  C 3 5 ? -2.58532  1.47444   -14.48867 1.000 55.87621 ? 5   DC  B N4    1 
ATOM   324 C C5    . DC  C 3 5 ? -4.80556  2.36689   -14.70685 1.000 49.32870 ? 5   DC  B C5    1 
ATOM   325 C C6    . DC  C 3 5 ? -5.73718  3.14941   -14.17285 1.000 49.28030 ? 5   DC  B C6    1 
HETATM 326 O O     . HOH D 4 . ? 2.82884   9.06112   19.29247  1.000 40.73058 ? 101 HOH A O     1 
HETATM 327 O O     . HOH D 4 . ? 5.39845   5.20712   20.97098  1.000 37.26880 ? 102 HOH A O     1 
HETATM 328 O O     . HOH E 4 . ? 9.46371   -2.56807  3.56212   1.000 66.39070 ? 101 HOH C O     1 
HETATM 329 O O     . HOH E 4 . ? -3.84433  4.87500   2.91694   1.000 38.75705 ? 102 HOH C O     1 
HETATM 330 O O     . HOH E 4 . ? -5.46044  -8.10671  -9.39419  1.000 68.94988 ? 103 HOH C O     1 
HETATM 331 O O     . HOH E 4 . ? -7.76966  3.50015   -0.72569  1.000 40.35052 ? 104 HOH C O     1 
HETATM 332 O O     . HOH E 4 . ? 0.09788   -4.10422  -3.52207  1.000 35.40896 ? 105 HOH C O     1 
HETATM 333 O O     . HOH F 4 . ? 1.45651   -7.28451  -3.46660  1.000 40.13694 ? 101 HOH B O     1 
HETATM 334 O O     . HOH F 4 . ? 2.39008   -3.97663  -11.15102 1.000 33.94721 ? 102 HOH B O     1 
HETATM 335 O O     . HOH F 4 . ? -2.78751  0.59902   -17.83426 1.000 36.79130 ? 103 HOH B O     1 
HETATM 336 O O     . HOH F 4 . ? -16.99149 0.89884   -15.16611 1.000 40.22871 ? 104 HOH B O     1 
# 
loop_
_atom_site_anisotrop.id 
_atom_site_anisotrop.type_symbol 
_atom_site_anisotrop.pdbx_label_atom_id 
_atom_site_anisotrop.pdbx_label_alt_id 
_atom_site_anisotrop.pdbx_label_comp_id 
_atom_site_anisotrop.pdbx_label_asym_id 
_atom_site_anisotrop.pdbx_label_seq_id 
_atom_site_anisotrop.pdbx_PDB_ins_code 
_atom_site_anisotrop.U[1][1] 
_atom_site_anisotrop.U[2][2] 
_atom_site_anisotrop.U[3][3] 
_atom_site_anisotrop.U[1][2] 
_atom_site_anisotrop.U[1][3] 
_atom_site_anisotrop.U[2][3] 
_atom_site_anisotrop.pdbx_auth_seq_id 
_atom_site_anisotrop.pdbx_auth_comp_id 
_atom_site_anisotrop.pdbx_auth_asym_id 
_atom_site_anisotrop.pdbx_auth_atom_id 
1   O "O5'" . DC A 1 ? 0.54513 0.73540 0.47644 -0.02863 0.25163  0.06984  1 DC A "O5'" 
2   C "C5'" . DC A 1 ? 0.50984 0.71621 0.43848 -0.05025 0.25291  0.05967  1 DC A "C5'" 
3   C "C4'" . DC A 1 ? 0.50371 0.70714 0.45491 -0.04726 0.26026  0.05701  1 DC A "C4'" 
4   O "O4'" . DC A 1 ? 0.51216 0.68494 0.46383 -0.03320 0.26621  0.05663  1 DC A "O4'" 
5   C "C3'" . DC A 1 ? 0.57662 0.76944 0.54890 -0.04501 0.26650  0.05382  1 DC A "C3'" 
6   O "O3'" . DC A 1 ? 0.58144 0.79833 0.56076 -0.05625 0.26370  0.05467  1 DC A "O3'" 
7   C "C2'" . DC A 1 ? 0.57335 0.73697 0.56255 -0.04247 0.27720  0.04443  1 DC A "C2'" 
8   C "C1'" . DC A 1 ? 0.50417 0.65381 0.47939 -0.03019 0.27691  0.04912  1 DC A "C1'" 
9   N N1    . DC A 1 ? 0.48713 0.61391 0.46754 -0.00887 0.27723  0.05492  1 DC A N1    
10  C C2    . DC A 1 ? 0.50373 0.60491 0.50818 -0.00329 0.27312  0.04526  1 DC A C2    
11  O O2    . DC A 1 ? 0.51465 0.61198 0.53515 -0.01640 0.28354  0.03438  1 DC A O2    
12  N N3    . DC A 1 ? 0.50146 0.58304 0.51109 0.01604  0.25815  0.04814  1 DC A N3    
13  C C4    . DC A 1 ? 0.50378 0.58956 0.49572 0.02936  0.24809  0.05953  1 DC A C4    
14  N N4    . DC A 1 ? 0.53406 0.59973 0.53138 0.04759  0.23381  0.06142  1 DC A N4    
15  C C5    . DC A 1 ? 0.51676 0.62781 0.48474 0.02441  0.25245  0.06965  1 DC A C5    
16  C C6    . DC A 1 ? 0.49224 0.62359 0.45541 0.00525  0.26680  0.06714  1 DC A C6    
17  P P     . DG A 2 ? 0.63033 0.85322 0.62069 -0.05697 0.26334  0.05551  2 DG A P     
18  O OP1   . DG A 2 ? 0.62508 0.87386 0.60775 -0.05726 0.25234  0.06807  2 DG A OP1   
19  O OP2   . DG A 2 ? 0.62594 0.82597 0.61752 -0.04279 0.26615  0.05680  2 DG A OP2   
20  O "O5'" . DG A 2 ? 0.55589 0.76140 0.57023 -0.06388 0.27196  0.04397  2 DG A "O5'" 
21  C "C5'" . DG A 2 ? 0.54388 0.72786 0.56622 -0.06708 0.27896  0.03349  2 DG A "C5'" 
22  C "C4'" . DG A 2 ? 0.55130 0.70904 0.59876 -0.06556 0.28783  0.02246  2 DG A "C4'" 
23  O "O4'" . DG A 2 ? 0.55884 0.69146 0.61147 -0.05026 0.29346  0.02268  2 DG A "O4'" 
24  C "C3'" . DG A 2 ? 0.56154 0.72378 0.62111 -0.06463 0.28706  0.02342  2 DG A "C3'" 
25  O "O3'" . DG A 2 ? 0.63925 0.78619 0.72235 -0.07112 0.29315  0.01141  2 DG A "O3'" 
26  C "C2'" . DG A 2 ? 0.59700 0.74448 0.65800 -0.04611 0.28897  0.02987  2 DG A "C2'" 
27  C "C1'" . DG A 2 ? 0.60109 0.72337 0.66930 -0.03925 0.29502  0.02437  2 DG A "C1'" 
28  N N9    . DG A 2 ? 0.57546 0.68293 0.63455 -0.01746 0.27916  0.03241  2 DG A N9    
29  C C8    . DG A 2 ? 0.51066 0.62962 0.54614 -0.00853 0.27281  0.04507  2 DG A C8    
30  N N7    . DG A 2 ? 0.47881 0.57935 0.51161 0.01070  0.25880  0.04931  2 DG A N7    
31  C C5    . DG A 2 ? 0.47672 0.55298 0.53289 0.01485  0.25515  0.03927  2 DG A C5    
32  C C6    . DG A 2 ? 0.48055 0.53119 0.54480 0.03265  0.24137  0.03855  2 DG A C6    
33  O O6    . DG A 2 ? 0.48305 0.52648 0.53470 0.04860  0.22940  0.04634  2 DG A O6    
34  N N1    . DG A 2 ? 0.51954 0.55232 0.60945 0.03054  0.24241  0.02750  2 DG A N1    
35  C C2    . DG A 2 ? 0.54656 0.58456 0.65249 0.01342  0.25565  0.01795  2 DG A C2    
36  N N2    . DG A 2 ? 0.54078 0.55878 0.67181 0.01451  0.25480  0.00834  2 DG A N2    
37  N N3    . DG A 2 ? 0.53805 0.59955 0.63606 -0.00384 0.26899  0.01792  2 DG A N3    
38  C C4    . DG A 2 ? 0.50228 0.58229 0.57521 -0.00198 0.26761  0.02902  2 DG A C4    
39  P P     . DA A 3 ? 0.67687 0.82756 0.77628 -0.07465 0.29278  0.00884  3 DA A P     
40  O OP1   . DA A 3 ? 0.65270 0.82776 0.74142 -0.08755 0.28683  0.01157  3 DA A OP1   
41  O OP2   . DA A 3 ? 0.63871 0.78691 0.74210 -0.06088 0.29225  0.01606  3 DA A OP2   
42  O "O5'" . DA A 3 ? 0.56678 0.69044 0.69415 -0.07641 0.30115  -0.00525 3 DA A "O5'" 
43  C "C5'" . DA A 3 ? 0.53486 0.63627 0.67078 -0.06789 0.30728  -0.00893 3 DA A "C5'" 
44  C "C4'" . DA A 3 ? 0.52835 0.60668 0.69174 -0.05619 0.30671  -0.01379 3 DA A "C4'" 
45  O "O4'" . DA A 3 ? 0.61180 0.67746 0.76594 -0.03473 0.29020  -0.00519 3 DA A "O4'" 
46  C "C3'" . DA A 3 ? 0.59709 0.68122 0.77414 -0.05826 0.30593  -0.01480 3 DA A "C3'" 
47  O "O3'" . DA A 3 ? 0.58853 0.64898 0.79108 -0.05177 0.30124  -0.02295 3 DA A "O3'" 
48  C "C2'" . DA A 3 ? 0.59632 0.68651 0.75715 -0.04283 0.29296  -0.00184 3 DA A "C2'" 
49  C "C1'" . DA A 3 ? 0.59906 0.66629 0.75677 -0.02540 0.28102  -0.00007 3 DA A "C1'" 
50  N N9    . DA A 3 ? 0.52926 0.60054 0.66472 -0.01094 0.27005  0.01242  3 DA A N9    
51  C C8    . DA A 3 ? 0.55043 0.64542 0.66249 -0.01478 0.27324  0.02230  3 DA A C8    
52  N N7    . DA A 3 ? 0.54580 0.63773 0.64165 0.00116  0.26181  0.03239  3 DA A N7    
53  C C5    . DA A 3 ? 0.52541 0.58998 0.63442 0.01597  0.25026  0.02849  3 DA A C5    
54  C C6    . DA A 3 ? 0.52902 0.57774 0.63096 0.03575  0.23537  0.03447  3 DA A C6    
55  N N6    . DA A 3 ? 0.51881 0.57694 0.59764 0.04448  0.22994  0.04612  3 DA A N6    
56  N N1    . DA A 3 ? 0.50198 0.52535 0.62137 0.04596  0.22650  0.02824  3 DA A N1    
57  C C2    . DA A 3 ? 0.49939 0.51397 0.64239 0.03725  0.23245  0.01717  3 DA A C2    
58  N N3    . DA A 3 ? 0.49001 0.51681 0.64206 0.01904  0.24668  0.01050  3 DA A N3    
59  C C4    . DA A 3 ? 0.48731 0.53918 0.62106 0.00890  0.25498  0.01649  3 DA A C4    
60  P P     . DC A 4 ? 0.64864 0.71096 0.87329 -0.05930 0.30523  -0.02949 4 DC A P     
61  O OP1   . DC A 4 ? 0.59749 0.65214 0.83929 -0.07319 0.31798  -0.04185 4 DC A OP1   
62  O OP2   . DC A 4 ? 0.58334 0.67218 0.79571 -0.06670 0.30841  -0.02261 4 DC A OP2   
63  O "O5'" . DC A 4 ? 0.56106 0.60079 0.79954 -0.03900 0.28859  -0.02818 4 DC A "O5'" 
64  C "C5'" . DC A 4 ? 0.51887 0.53886 0.75410 -0.02229 0.27666  -0.02537 4 DC A "C5'" 
65  C "C4'" . DC A 4 ? 0.55265 0.56204 0.78933 -0.00376 0.26041  -0.01946 4 DC A "C4'" 
66  O "O4'" . DC A 4 ? 0.55151 0.56835 0.76217 0.00678  0.25251  -0.00775 4 DC A "O4'" 
67  C "C3'" . DC A 4 ? 0.58809 0.60514 0.83511 -0.00608 0.26019  -0.01965 4 DC A "C3'" 
68  O "O3'" . DC A 4 ? 0.60483 0.60100 0.86728 0.00864  0.24734  -0.02122 4 DC A "O3'" 
69  C "C2'" . DC A 4 ? 0.58337 0.62037 0.80566 -0.00296 0.25780  -0.00750 4 DC A "C2'" 
70  C "C1'" . DC A 4 ? 0.53480 0.55936 0.74204 0.01283  0.24658  -0.00137 4 DC A "C1'" 
71  N N1    . DC A 4 ? 0.53698 0.57877 0.71676 0.01625  0.24507  0.01062  4 DC A N1    
72  C C2    . DC A 4 ? 0.50128 0.53285 0.66812 0.03426  0.23173  0.01848  4 DC A C2    
73  O O2    . DC A 4 ? 0.51212 0.52104 0.69031 0.04648  0.22128  0.01511  4 DC A O2    
74  N N3    . DC A 4 ? 0.49572 0.54292 0.63789 0.03755  0.23080  0.02972  4 DC A N3    
75  C C4    . DC A 4 ? 0.52931 0.60246 0.66018 0.02348  0.24233  0.03353  4 DC A C4    
76  N N4    . DC A 4 ? 0.58163 0.67027 0.68868 0.02748  0.24104  0.04535  4 DC A N4    
77  C C5    . DC A 4 ? 0.52967 0.61445 0.67301 0.00441  0.25586  0.02551  4 DC A C5    
78  C C6    . DC A 4 ? 0.58191 0.64992 0.74950 0.00149  0.25690  0.01401  4 DC A C6    
79  P P     . DG A 5 ? 0.62117 0.61220 0.90900 0.00560  0.24783  -0.02822 5 DG A P     
80  O OP1   . DG A 5 ? 0.58791 0.56169 0.89772 0.00185  0.25138  -0.03875 5 DG A OP1   
81  O OP2   . DG A 5 ? 0.47694 0.49012 0.76337 -0.00696 0.25698  -0.02706 5 DG A OP2   
82  O "O5'" . DG A 5 ? 0.54314 0.52007 0.83075 0.02540  0.23082  -0.02277 5 DG A "O5'" 
83  C "C5'" . DG A 5 ? 0.52337 0.48140 0.80811 0.04005  0.21921  -0.02114 5 DG A "C5'" 
84  C "C4'" . DG A 5 ? 0.56441 0.51662 0.83935 0.05679  0.20502  -0.01335 5 DG A "C4'" 
85  O "O4'" . DG A 5 ? 0.58738 0.55393 0.83468 0.05967  0.20473  -0.00297 5 DG A "O4'" 
86  C "C3'" . DG A 5 ? 0.55291 0.50771 0.83827 0.05768  0.20302  -0.01362 5 DG A "C3'" 
87  O "O3'" . DG A 5 ? 0.56297 0.50003 0.85204 0.07372  0.18871  -0.01224 5 DG A "O3'" 
88  C "C2'" . DG A 5 ? 0.51482 0.49289 0.77923 0.05388  0.20809  -0.00425 5 DG A "C2'" 
89  C "C1'" . DG A 5 ? 0.56691 0.54586 0.80746 0.06128  0.20399  0.00333  5 DG A "C1'" 
90  N N9    . DG A 5 ? 0.58279 0.58620 0.80252 0.05245  0.21318  0.01074  5 DG A N9    
91  C C8    . DG A 5 ? 0.58624 0.60951 0.80688 0.03430  0.22760  0.00826  5 DG A C8    
92  N N7    . DG A 5 ? 0.54580 0.58990 0.74451 0.03008  0.23267  0.01707  5 DG A N7    
93  C C5    . DG A 5 ? 0.47997 0.51680 0.66265 0.04676  0.22115  0.02584  5 DG A C5    
94  C C6    . DG A 5 ? 0.52006 0.57145 0.67721 0.05097  0.22042  0.03770  5 DG A C6    
95  O O6    . DG A 5 ? 0.54214 0.61725 0.68517 0.04042  0.22981  0.04333  5 DG A O6    
96  N N1    . DG A 5 ? 0.54103 0.57697 0.68891 0.06956  0.20710  0.04334  5 DG A N1    
97  C C2    . DG A 5 ? 0.53761 0.54822 0.69916 0.08161  0.19592  0.03790  5 DG A C2    
98  N N2    . DG A 5 ? 0.46307 0.46180 0.61251 0.09806  0.18417  0.04402  5 DG A N2    
99  N N3    . DG A 5 ? 0.54433 0.54232 0.73004 0.07749  0.19637  0.02714  5 DG A N3    
100 C C4    . DG A 5 ? 0.51016 0.52201 0.70528 0.06020  0.20931  0.02173  5 DG A C4    
101 P P     . DC B 1 ? 0.84397 0.94358 0.83369 0.13593  0.18752  0.13616  1 DC C P     
102 O OP1   . DC B 1 ? 0.74053 0.84598 0.71220 0.14798  0.18508  0.15015  1 DC C OP1   
103 O OP2   . DC B 1 ? 0.77231 0.88642 0.75807 0.12073  0.19571  0.13280  1 DC C OP2   
104 O "O5'" . DC B 1 ? 0.77253 0.83880 0.77315 0.14682  0.17547  0.12525  1 DC C "O5'" 
105 C "C5'" . DC B 1 ? 0.71205 0.76266 0.73157 0.15174  0.17065  0.11902  1 DC C "C5'" 
106 C "C4'" . DC B 1 ? 0.65308 0.68236 0.68981 0.15034  0.16537  0.10503  1 DC C "C4'" 
107 O "O4'" . DC B 1 ? 0.60376 0.64279 0.65766 0.13410  0.17452  0.09704  1 DC C "O4'" 
108 C "C3'" . DC B 1 ? 0.64716 0.66723 0.67348 0.15288  0.16108  0.10280  1 DC C "C3'" 
109 O "O3'" . DC B 1 ? 0.65811 0.65167 0.69370 0.16309  0.14980  0.09538  1 DC C "O3'" 
110 C "C2'" . DC B 1 ? 0.65718 0.68936 0.69104 0.13565  0.17127  0.09630  1 DC C "C2'" 
111 C "C1'" . DC B 1 ? 0.58340 0.61502 0.64074 0.12841  0.17488  0.08888  1 DC C "C1'" 
112 N N1    . DC B 1 ? 0.53371 0.58345 0.59879 0.10995  0.18752  0.08464  1 DC C N1    
113 C C2    . DC B 1 ? 0.53806 0.57890 0.62668 0.10204  0.18985  0.07268  1 DC C C2    
114 O O2    . DC B 1 ? 0.56287 0.58154 0.66497 0.11113  0.18080  0.06660  1 DC C O2    
115 N N3    . DC B 1 ? 0.51082 0.56795 0.60685 0.08433  0.20216  0.06812  1 DC C N3    
116 C C4    . DC B 1 ? 0.51810 0.60023 0.59832 0.07447  0.21152  0.07523  1 DC C C4    
117 N N4    . DC B 1 ? 0.51761 0.61562 0.60515 0.05626  0.22378  0.07007  1 DC C N4    
118 C C5    . DC B 1 ? 0.56366 0.65604 0.61969 0.08261  0.20890  0.08810  1 DC C C5    
119 C C6    . DC B 1 ? 0.57725 0.65239 0.62670 0.10046  0.19699  0.09234  1 DC C C6    
120 P P     . DG B 2 ? 0.67040 0.64938 0.69128 0.17390  0.14051  0.09670  2 DG C P     
121 O OP1   . DG B 2 ? 0.75791 0.72750 0.76798 0.18909  0.13195  0.10337  2 DG C OP1   
122 O OP2   . DG B 2 ? 0.67304 0.66650 0.67916 0.16628  0.14717  0.10022  2 DG C OP2   
123 O "O5'" . DG B 2 ? 0.70366 0.66073 0.74491 0.17463  0.13391  0.08431  2 DG C "O5'" 
124 C "C5'" . DG B 2 ? 0.72071 0.66951 0.78461 0.17283  0.13282  0.07680  2 DG C "C5'" 
125 C "C4'" . DG B 2 ? 0.69702 0.63840 0.78149 0.16386  0.13507  0.06554  2 DG C "C4'" 
126 O "O4'" . DG B 2 ? 0.59950 0.55989 0.68945 0.14748  0.14861  0.06364  2 DG C "O4'" 
127 C "C3'" . DG B 2 ? 0.69361 0.62477 0.77365 0.16638  0.13092  0.06311  2 DG C "C3'" 
128 O "O3'" . DG B 2 ? 0.69140 0.60715 0.79469 0.16480  0.12781  0.05292  2 DG C "O3'" 
129 C "C2'" . DG B 2 ? 0.57615 0.52704 0.64721 0.15304  0.14343  0.06507  2 DG C "C2'" 
130 C "C1'" . DG B 2 ? 0.55384 0.51469 0.64281 0.14050  0.15277  0.05989  2 DG C "C1'" 
131 N N9    . DG B 2 ? 0.53409 0.51863 0.61624 0.12589  0.16623  0.06239  2 DG C N9    
132 C C8    . DG B 2 ? 0.54976 0.55326 0.60929 0.12406  0.17101  0.07233  2 DG C C8    
133 N N7    . DG B 2 ? 0.52536 0.54948 0.58486 0.10832  0.18375  0.07194  2 DG C N7    
134 C C5    . DG B 2 ? 0.49402 0.51131 0.57766 0.09955  0.18768  0.06078  2 DG C C5    
135 C C6    . DG B 2 ? 0.50183 0.53318 0.59646 0.08172  0.20062  0.05489  2 DG C C6    
136 O O6    . DG B 2 ? 0.51989 0.57416 0.60442 0.06921  0.21143  0.05849  2 DG C O6    
137 N N1    . DG B 2 ? 0.49223 0.50885 0.61231 0.07857  0.20045  0.04370  2 DG C N1    
138 C C2    . DG B 2 ? 0.48448 0.47682 0.61765 0.09119  0.18880  0.03933  2 DG C C2    
139 N N2    . DG B 2 ? 0.49110 0.47257 0.64910 0.08609  0.19045  0.02896  2 DG C N2    
140 N N3    . DG B 2 ? 0.49501 0.47502 0.61761 0.10728  0.17658  0.04474  2 DG C N3    
141 C C4    . DG B 2 ? 0.51085 0.50396 0.60876 0.11054  0.17692  0.05515  2 DG C C4    
142 P P     . DT B 3 ? 0.75639 0.65084 0.86252 0.17533  0.11600  0.04985  3 DT C P     
143 O OP1   . DT B 3 ? 0.63060 0.50841 0.74636 0.18629  0.10434  0.04756  3 DT C OP1   
144 O OP2   . DT B 3 ? 0.56017 0.45923 0.64231 0.17939  0.11507  0.05708  3 DT C OP2   
145 O "O5'" . DT B 3 ? 0.67952 0.57006 0.80848 0.16457  0.12216  0.04011  3 DT C "O5'" 
146 C "C5'" . DT B 3 ? 0.53582 0.43356 0.68306 0.15271  0.13140  0.03417  3 DT C "C5'" 
147 C "C4'" . DT B 3 ? 0.50336 0.40643 0.65950 0.13942  0.14255  0.02858  3 DT C "C4'" 
148 O "O4'" . DT B 3 ? 0.53077 0.45600 0.67440 0.12752  0.15509  0.03210  3 DT C "O4'" 
149 C "C3'" . DT B 3 ? 0.52804 0.42274 0.67760 0.14338  0.13948  0.02913  3 DT C "C3'" 
150 O "O3'" . DT B 3 ? 0.57324 0.45680 0.74594 0.13892  0.14156  0.02062  3 DT C "O3'" 
151 C "C2'" . DT B 3 ? 0.58797 0.50151 0.71834 0.13380  0.15063  0.03360  3 DT C "C2'" 
152 C "C1'" . DT B 3 ? 0.49799 0.42694 0.63708 0.12002  0.16231  0.03057  3 DT C "C1'" 
153 N N1    . DT B 3 ? 0.48911 0.44094 0.60896 0.11061  0.17255  0.03646  3 DT C N1    
154 C C2    . DT B 3 ? 0.48344 0.45022 0.61127 0.09423  0.18601  0.03220  3 DT C C2    
155 O O2    . DT B 3 ? 0.48127 0.44242 0.63155 0.08728  0.19013  0.02351  3 DT C O2    
156 N N3    . DT B 3 ? 0.48056 0.46976 0.58918 0.08589  0.19466  0.03860  3 DT C N3    
157 C C4    . DT B 3 ? 0.48619 0.48362 0.56935 0.09282  0.19113  0.04889  3 DT C C4    
158 O O4    . DT B 3 ? 0.51282 0.53167 0.58005 0.08441  0.19943  0.05469  3 DT C O4    
159 C C5    . DT B 3 ? 0.49294 0.47269 0.56928 0.11033  0.17708  0.05255  3 DT C C5    
160 C C7    . DT B 3 ? 0.56271 0.54916 0.61176 0.11912  0.17253  0.06358  3 DT C C7    
161 C C6    . DT B 3 ? 0.49172 0.44988 0.58635 0.11813  0.16849  0.04613  3 DT C C6    
162 P P     . DG B 4 ? 0.63696 0.49833 0.82577 0.15112  0.12795  0.01742  4 DG C P     
163 O OP1   . DG B 4 ? 0.56398 0.41742 0.73782 0.16198  0.11897  0.02264  4 DG C OP1   
164 O OP2   . DG B 4 ? 0.66478 0.52023 0.88175 0.14243  0.13426  0.00823  4 DG C OP2   
165 O "O5'" . DG B 4 ? 0.53523 0.39378 0.72350 0.15937  0.11905  0.01944  4 DG C "O5'" 
166 C "C5'" . DG B 4 ? 0.55915 0.40811 0.73486 0.17398  0.10552  0.02463  4 DG C "C5'" 
167 C "C4'" . DG B 4 ? 0.52409 0.35631 0.71931 0.18129  0.09494  0.01977  4 DG C "C4'" 
168 O "O4'" . DG B 4 ? 0.52449 0.34570 0.70697 0.19563  0.08098  0.02440  4 DG C "O4'" 
169 C "C3'" . DG B 4 ? 0.55247 0.38605 0.75820 0.17973  0.09520  0.01709  4 DG C "C3'" 
170 O "O3'" . DG B 4 ? 0.60932 0.42883 0.83905 0.18198  0.08900  0.01044  4 DG C "O3'" 
171 C "C2'" . DG B 4 ? 0.57583 0.40810 0.76052 0.19134  0.08629  0.02424  4 DG C "C2'" 
172 C "C1'" . DG B 4 ? 0.56294 0.38125 0.74305 0.20192  0.07465  0.02555  4 DG C "C1'" 
173 N N9    . DG B 4 ? 0.60148 0.41916 0.75586 0.21243  0.06746  0.03337  4 DG C N9    
174 C C8    . DG B 4 ? 0.66974 0.50050 0.80069 0.21157  0.07310  0.04069  4 DG C C8    
175 N N7    . DG B 4 ? 0.68775 0.51383 0.79912 0.22269  0.06459  0.04675  4 DG C N7    
176 C C5    . DG B 4 ? 0.62107 0.43011 0.74313 0.23100  0.05246  0.04291  4 DG C C5    
177 C C6    . DG B 4 ? 0.63184 0.43033 0.74134 0.24240  0.03944  0.04555  4 DG C C6    
178 O O6    . DG B 4 ? 0.65480 0.45645 0.74106 0.24756  0.03611  0.05187  4 DG C O6    
179 N N1    . DG B 4 ? 0.61154 0.40048 0.73728 0.24077  0.02694  0.03757  4 DG C N1    
180 C C2    . DG B 4 ? 0.60994 0.39550 0.75986 0.23481  0.02884  0.03022  4 DG C C2    
181 N N2    . DG B 4 ? 0.64599 0.42245 0.80408 0.23544  0.01511  0.02364  4 DG C N2    
182 N N3    . DG B 4 ? 0.60177 0.39301 0.76621 0.22812  0.04353  0.02927  4 DG C N3    
183 C C4    . DG B 4 ? 0.57402 0.37821 0.72251 0.22493  0.05392  0.03501  4 DG C C4    
184 P P     . DG B 5 ? 0.67500 0.49414 0.92636 0.17649  0.09184  0.00414  5 DG C P     
185 O OP1   . DG B 5 ? 0.65065 0.46194 0.92815 0.17112  0.09411  -0.00336 5 DG C OP1   
186 O OP2   . DG B 5 ? 0.52949 0.36557 0.77166 0.16832  0.10242  0.00655  5 DG C OP2   
187 O "O5'" . DG B 5 ? 0.61005 0.41594 0.86126 0.18943  0.07725  0.00497  5 DG C "O5'" 
188 C "C5'" . DG B 5 ? 0.56871 0.36370 0.81513 0.19613  0.06308  0.00453  5 DG C "C5'" 
189 C "C4'" . DG B 5 ? 0.59753 0.38663 0.83149 0.20327  0.04878  0.00481  5 DG C "C4'" 
190 O "O4'" . DG B 5 ? 0.63919 0.42796 0.84957 0.21299  0.04427  0.01210  5 DG C "O4'" 
191 C "C3'" . DG B 5 ? 0.67795 0.47060 0.91819 0.20028  0.05214  0.00276  5 DG C "C3'" 
192 O "O3'" . DG B 5 ? 0.73375 0.51829 0.97381 0.20198  0.03966  -0.00151 5 DG C "O3'" 
193 C "C2'" . DG B 5 ? 0.65679 0.45437 0.87809 0.20747  0.05531  0.01080  5 DG C "C2'" 
194 C "C1'" . DG B 5 ? 0.60915 0.39987 0.81119 0.21628  0.04341  0.01423  5 DG C "C1'" 
195 N N9    . DG B 5 ? 0.60717 0.40309 0.78811 0.22290  0.04743  0.02340  5 DG C N9    
196 C C8    . DG B 5 ? 0.64740 0.45703 0.81992 0.21829  0.06068  0.02878  5 DG C C8    
197 N N7    . DG B 5 ? 0.66200 0.47610 0.80962 0.22430  0.05953  0.03666  5 DG C N7    
198 C C5    . DG B 5 ? 0.65353 0.45407 0.79499 0.23465  0.04582  0.03655  5 DG C C5    
199 C C6    . DG B 5 ? 0.64042 0.44013 0.75775 0.24168  0.03766  0.04204  5 DG C C6    
200 O O6    . DG B 5 ? 0.63653 0.44377 0.73337 0.24551  0.04319  0.05047  5 DG C O6    
201 N N1    . DG B 5 ? 0.66462 0.45449 0.78427 0.24335  0.02195  0.03681  5 DG C N1    
202 C C2    . DG B 5 ? 0.68996 0.47152 0.82931 0.24044  0.01385  0.02771  5 DG C C2    
203 N N2    . DG B 5 ? 0.70446 0.47822 0.84505 0.24269  -0.00057 0.02447  5 DG C N2    
204 N N3    . DG B 5 ? 0.66718 0.44915 0.82449 0.23476  0.02054  0.02272  5 DG C N3    
205 C C4    . DG B 5 ? 0.63780 0.42967 0.79759 0.23118  0.03657  0.02728  5 DG C C4    
206 P P     . DC B 6 ? 0.81359 0.59948 1.06541 0.19683  0.04129  -0.00605 6 DC C P     
207 O OP1   . DC B 6 ? 0.70383 0.48754 0.97466 0.18894  0.04081  -0.01234 6 DC C OP1   
208 O OP2   . DC B 6 ? 0.78515 0.58092 1.03994 0.19433  0.05372  -0.00324 6 DC C OP2   
209 O "O5'" . DC B 6 ? 0.62738 0.40486 0.86123 0.20567  0.02850  -0.00490 6 DC C "O5'" 
210 C "C5'" . DC B 6 ? 0.65248 0.42259 0.86992 0.21350  0.01869  -0.00230 6 DC C "C5'" 
211 C "C4'" . DC B 6 ? 0.67711 0.44298 0.87360 0.22250  0.01240  0.00118  6 DC C "C4'" 
212 O "O4'" . DC B 6 ? 0.70922 0.48115 0.89473 0.22647  0.01599  0.00705  6 DC C "O4'" 
213 C "C3'" . DC B 6 ? 0.73196 0.49869 0.93141 0.22107  0.01442  -0.00064 6 DC C "C3'" 
214 O "O3'" . DC B 6 ? 0.76999 0.52675 0.95454 0.22783  0.00561  -0.00050 6 DC C "O3'" 
215 C "C2'" . DC B 6 ? 0.69471 0.47113 0.88988 0.22225  0.02284  0.00475  6 DC C "C2'" 
216 C "C1'" . DC B 6 ? 0.69463 0.46974 0.87354 0.22892  0.01801  0.00959  6 DC C "C1'" 
217 N N1    . DC B 6 ? 0.65041 0.43671 0.82382 0.22924  0.02922  0.01763  6 DC C N1    
218 C C2    . DC B 6 ? 0.65103 0.43819 0.80428 0.23587  0.02576  0.02433  6 DC C C2    
219 O O2    . DC B 6 ? 0.65840 0.43747 0.80529 0.23980  0.01264  0.02210  6 DC C O2    
220 N N3    . DC B 6 ? 0.64789 0.44549 0.78906 0.23721  0.03751  0.03341  6 DC C N3    
221 C C4    . DC B 6 ? 0.68713 0.49396 0.83865 0.23232  0.05234  0.03543  6 DC C C4    
222 N N4    . DC B 6 ? 0.74091 0.56109 0.87682 0.23165  0.06221  0.04376  6 DC C N4    
223 C C5    . DC B 6 ? 0.62809 0.43425 0.80498 0.22414  0.05610  0.02769  6 DC C C5    
224 C C6    . DC B 6 ? 0.63927 0.43527 0.82559 0.22271  0.04397  0.01911  6 DC C C6    
225 P P     . DG C 1 ? 0.83511 0.66408 0.78996 0.27289  0.03674  0.09509  1 DG B P     
226 O OP1   . DG C 1 ? 0.79629 0.63293 0.73429 0.27594  0.04322  0.10377  1 DG B OP1   
227 O OP2   . DG C 1 ? 0.76380 0.59716 0.71596 0.27216  0.03764  0.09631  1 DG B OP2   
228 O "O5'" . DG C 1 ? 0.85577 0.66888 0.81790 0.27215  0.02326  0.08570  1 DG B "O5'" 
229 C "C5'" . DG C 1 ? 0.85734 0.66202 0.83808 0.27031  0.01982  0.07849  1 DG B "C5'" 
230 C "C4'" . DG C 1 ? 0.89388 0.68836 0.89133 0.26759  0.00936  0.06934  1 DG B "C4'" 
231 O "O4'" . DG C 1 ? 0.87500 0.67044 0.89336 0.26410  0.01229  0.06475  1 DG B "O4'" 
232 C "C3'" . DG C 1 ? 0.86948 0.66358 0.85898 0.26790  0.00401  0.06997  1 DG B "C3'" 
233 O "O3'" . DG C 1 ? 0.94007 0.72404 0.94029 0.26671  -0.00670 0.06339  1 DG B "O3'" 
234 C "C2'" . DG C 1 ? 0.81030 0.61067 0.80871 0.26578  0.01004  0.07023  1 DG B "C2'" 
235 C "C1'" . DG C 1 ? 0.77354 0.56995 0.79531 0.26272  0.01067  0.06360  1 DG B "C1'" 
236 N N9    . DG C 1 ? 0.70150 0.50539 0.73209 0.26076  0.02077  0.06467  1 DG B N9    
237 C C8    . DG C 1 ? 0.71914 0.53475 0.73755 0.26213  0.03170  0.07277  1 DG B C8    
238 N N7    . DG C 1 ? 0.72497 0.54565 0.75703 0.25947  0.04076  0.07204  1 DG B N7    
239 C C5    . DG C 1 ? 0.71296 0.52413 0.76722 0.25592  0.03473  0.06229  1 DG B C5    
240 C C6    . DG C 1 ? 0.65081 0.46189 0.72777 0.25126  0.04020  0.05674  1 DG B C6    
241 O O6    . DG C 1 ? 0.61213 0.43188 0.69538 0.24893  0.05288  0.05950  1 DG B O6    
242 N N1    . DG C 1 ? 0.66059 0.46088 0.75476 0.24882  0.03015  0.04728  1 DG B N1    
243 C C2    . DG C 1 ? 0.73914 0.53044 0.83036 0.25073  0.01724  0.04414  1 DG B C2    
244 N N2    . DG C 1 ? 0.79484 0.57750 0.90528 0.24812  0.00920  0.03546  1 DG B N2    
245 N N3    . DG C 1 ? 0.70704 0.49842 0.77849 0.25459  0.01338  0.04942  1 DG B N3    
246 C C4    . DG C 1 ? 0.70338 0.50451 0.75677 0.25694  0.02206  0.05796  1 DG B C4    
247 P P     . DC C 2 ? 1.06671 0.84839 1.05810 0.26749  -0.01426 0.06396  2 DC B P     
248 O OP1   . DC C 2 ? 1.06943 0.84955 1.04046 0.27076  -0.01622 0.06747  2 DC B OP1   
249 O OP2   . DC C 2 ? 0.86883 0.65747 0.85750 0.26676  -0.01016 0.06683  2 DC B OP2   
250 O "O5'" . DC C 2 ? 0.95710 0.72953 0.96994 0.26518  -0.02328 0.05657  2 DC B "O5'" 
251 C "C5'" . DC C 2 ? 0.89713 0.66450 0.92664 0.26365  -0.02363 0.05165  2 DC B "C5'" 
252 C "C4'" . DC C 2 ? 0.89703 0.66245 0.95238 0.25977  -0.02515 0.04618  2 DC B "C4'" 
253 O "O4'" . DC C 2 ? 0.84215 0.61398 0.90332 0.25797  -0.01720 0.04635  2 DC B "O4'" 
254 C "C3'" . DC C 2 ? 0.87092 0.63472 0.93155 0.25906  -0.03108 0.04569  2 DC B "C3'" 
255 O "O3'" . DC C 2 ? 0.90008 0.65813 0.98190 0.25694  -0.03475 0.04114  2 DC B "O3'" 
256 C "C2'" . DC C 2 ? 0.79084 0.56098 0.85380 0.25759  -0.02546 0.04687  2 DC B "C2'" 
257 C "C1'" . DC C 2 ? 0.77327 0.54543 0.84665 0.25574  -0.01838 0.04430  2 DC B "C1'" 
258 N N1    . DC C 2 ? 0.71663 0.49648 0.78430 0.25557  -0.00901 0.04710  2 DC B N1    
259 C C2    . DC C 2 ? 0.69107 0.47179 0.77700 0.25233  -0.00374 0.04275  2 DC B C2    
260 O O2    . DC C 2 ? 0.70129 0.47623 0.80847 0.24951  -0.00825 0.03612  2 DC B O2    
261 N N3    . DC C 2 ? 0.67689 0.46530 0.75698 0.25220  0.00737  0.04637  2 DC B N3    
262 C C4    . DC C 2 ? 0.67059 0.46604 0.72831 0.25533  0.01239  0.05431  2 DC B C4    
263 N N4    . DC C 2 ? 0.66584 0.46992 0.71974 0.25505  0.02480  0.05878  2 DC B N4    
264 C C5    . DC C 2 ? 0.73052 0.52499 0.76926 0.25863  0.00580  0.05830  2 DC B C5    
265 C C6    . DC C 2 ? 0.76566 0.55202 0.81008 0.25853  -0.00454 0.05427  2 DC B C6    
266 P P     . DC C 3 ? 1.03640 0.79191 1.12486 0.25685  -0.04079 0.04126  3 DC B P     
267 O OP1   . DC C 3 ? 1.00598 0.75429 1.09863 0.25793  -0.04596 0.03893  3 DC B OP1   
268 O OP2   . DC C 3 ? 0.92078 0.68020 0.99104 0.25884  -0.04288 0.04565  3 DC B OP2   
269 O "O5'" . DC C 3 ? 0.87202 0.62914 0.98374 0.25314  -0.03572 0.03883  3 DC B "O5'" 
270 C "C5'" . DC C 3 ? 0.86859 0.62496 0.99623 0.25047  -0.02960 0.03527  3 DC B "C5'" 
271 C "C4'" . DC C 3 ? 0.83274 0.58893 0.97863 0.24798  -0.02384 0.03406  3 DC B "C4'" 
272 O "O4'" . DC C 3 ? 0.74503 0.50706 0.89557 0.24542  -0.02021 0.03208  3 DC B "O4'" 
273 C "C3'" . DC C 3 ? 0.81792 0.57284 0.96181 0.24952  -0.02787 0.03653  3 DC B "C3'" 
274 O "O3'" . DC C 3 ? 0.88773 0.63693 1.03770 0.25017  -0.02419 0.03456  3 DC B "O3'" 
275 C "C2'" . DC C 3 ? 0.75569 0.51675 0.89625 0.24845  -0.02754 0.03778  3 DC B "C2'" 
276 C "C1'" . DC C 3 ? 0.74373 0.50757 0.89341 0.24547  -0.02130 0.03346  3 DC B "C1'" 
277 N N1    . DC C 3 ? 0.65137 0.42053 0.78007 0.24723  -0.01921 0.03472  3 DC B N1    
278 C C2    . DC C 3 ? 0.61661 0.38840 0.74780 0.24574  -0.01167 0.03194  3 DC B C2    
279 O O2    . DC C 3 ? 0.63384 0.40165 0.78214 0.24319  -0.01255 0.02446  3 DC B O2    
280 N N3    . DC C 3 ? 0.62714 0.40569 0.73818 0.24771  -0.00257 0.03784  3 DC B N3    
281 C C4    . DC C 3 ? 0.65813 0.43981 0.74639 0.25134  -0.00434 0.04437  3 DC B C4    
282 N N4    . DC C 3 ? 0.67000 0.45932 0.73939 0.25331  0.00503  0.05075  3 DC B N4    
283 C C5    . DC C 3 ? 0.69567 0.47332 0.77941 0.25292  -0.01453 0.04507  3 DC B C5    
284 C C6    . DC C 3 ? 0.71249 0.48406 0.81647 0.25086  -0.02100 0.04046  3 DC B C6    
285 P P     . DG C 4 ? 1.03249 0.77896 1.18162 0.25208  -0.03195 0.03547  4 DG B P     
286 O OP1   . DG C 4 ? 1.07409 0.81525 1.22286 0.25289  -0.03930 0.03218  4 DG B OP1   
287 O OP2   . DG C 4 ? 0.82635 0.57804 0.97009 0.25281  -0.03636 0.04040  4 DG B OP2   
288 O "O5'" . DG C 4 ? 0.82175 0.56507 0.97615 0.25130  -0.02750 0.03182  4 DG B "O5'" 
289 C "C5'" . DG C 4 ? 0.81999 0.56181 0.97496 0.24922  -0.02119 0.02645  4 DG B "C5'" 
290 C "C4'" . DG C 4 ? 0.81231 0.55465 0.96961 0.24771  -0.01875 0.02379  4 DG B "C4'" 
291 O "O4'" . DG C 4 ? 0.74493 0.49151 0.89069 0.24889  -0.01365 0.02579  4 DG B "O4'" 
292 C "C3'" . DG C 4 ? 0.80667 0.54865 0.96703 0.24901  -0.02268 0.02688  4 DG B "C3'" 
293 O "O3'" . DG C 4 ? 0.77666 0.51830 0.95219 0.24363  -0.02229 0.02094  4 DG B "O3'" 
294 C "C2'" . DG C 4 ? 0.71793 0.46479 0.86766 0.25166  -0.01850 0.03404  4 DG B "C2'" 
295 C "C1'" . DG C 4 ? 0.70835 0.45715 0.85038 0.24988  -0.01377 0.02942  4 DG B "C1'" 
296 N N9    . DG C 4 ? 0.68117 0.44635 0.84801 0.24098  -0.01349 0.03552  4 DG B N9    
297 C C8    . DG C 4 ? 0.70139 0.46596 0.85720 0.24547  -0.02301 0.03873  4 DG B C8    
298 N N7    . DG C 4 ? 0.73445 0.50220 0.87046 0.24766  -0.02511 0.03933  4 DG B N7    
299 C C5    . DG C 4 ? 0.68523 0.45458 0.82176 0.24632  -0.01830 0.03561  4 DG B C5    
300 C C6    . DG C 4 ? 0.66112 0.43627 0.77639 0.24799  -0.00852 0.03961  4 DG B C6    
301 O O6    . DG C 4 ? 0.67384 0.45353 0.76571 0.25111  -0.00736 0.04579  4 DG B O6    
302 N N1    . DG C 4 ? 0.61326 0.38977 0.73723 0.24518  0.00267  0.03699  4 DG B N1    
303 C C2    . DG C 4 ? 0.59599 0.36751 0.74080 0.24155  0.00271  0.02973  4 DG B C2    
304 N N2    . DG C 4 ? 0.59485 0.37062 0.74894 0.23634  0.01795  0.02938  4 DG B N2    
305 N N3    . DG C 4 ? 0.62582 0.38872 0.77760 0.24313  -0.00997 0.02372  4 DG B N3    
306 C C4    . DG C 4 ? 0.65746 0.42237 0.81235 0.24309  -0.02008 0.02730  4 DG B C4    
307 P P     . DC C 5 ? 0.78978 0.53082 0.97322 0.24378  -0.02569 0.02272  5 DC B P     
308 O OP1   . DC C 5 ? 0.75211 0.49316 0.95771 0.23695  -0.02629 0.01701  5 DC B OP1   
309 O OP2   . DC C 5 ? 0.79826 0.53914 0.97141 0.24999  -0.03112 0.03005  5 DC B OP2   
310 O "O5'" . DC C 5 ? 0.77742 0.52050 0.95846 0.24284  -0.01985 0.02261  5 DC B "O5'" 
311 C "C5'" . DC C 5 ? 0.78115 0.52778 0.96473 0.23847  -0.01291 0.01873  5 DC B "C5'" 
312 C "C4'" . DC C 5 ? 0.68638 0.43655 0.87549 0.23534  -0.00669 0.01877  5 DC B "C4'" 
313 O "O4'" . DC C 5 ? 0.67777 0.43120 0.85161 0.23886  -0.00554 0.02143  5 DC B "O4'" 
314 C "C3'" . DC C 5 ? 0.64690 0.39438 0.83468 0.23850  -0.01054 0.02214  5 DC B "C3'" 
315 O "O3'" . DC C 5 ? 0.72041 0.47096 0.92417 0.23183  -0.00191 0.02038  5 DC B "O3'" 
316 C "C2'" . DC C 5 ? 0.64137 0.38767 0.80369 0.24751  -0.01587 0.02757  5 DC B "C2'" 
317 C "C1'" . DC C 5 ? 0.62750 0.37968 0.78965 0.24412  -0.01069 0.02548  5 DC B "C1'" 
318 N N1    . DC C 5 ? 0.62464 0.38055 0.77408 0.24716  -0.02027 0.02743  5 DC B N1    
319 C C2    . DC C 5 ? 0.61745 0.38196 0.76520 0.24473  -0.00957 0.03228  5 DC B C2    
320 O O2    . DC C 5 ? 0.61362 0.38121 0.76562 0.24080  0.00524  0.03234  5 DC B O2    
321 N N3    . DC C 5 ? 0.66891 0.43847 0.80157 0.24690  -0.01164 0.03862  5 DC B N3    
322 C C4    . DC C 5 ? 0.69413 0.46299 0.82815 0.24807  -0.02175 0.04130  5 DC B C4    
323 N N4    . DC C 5 ? 0.74677 0.51921 0.85707 0.25094  -0.02315 0.04648  5 DC B N4    
324 C C5    . DC C 5 ? 0.65048 0.41668 0.80711 0.24587  -0.02601 0.04124  5 DC B C5    
325 C C6    . DC C 5 ? 0.64567 0.40975 0.81701 0.24094  -0.02775 0.03291  5 DC B C6    
# 
